data_4FJ8
#
_entry.id   4FJ8
#
_cell.length_a   75.023
_cell.length_b   120.085
_cell.length_c   130.845
_cell.angle_alpha   90.00
_cell.angle_beta   90.00
_cell.angle_gamma   90.00
#
_symmetry.space_group_name_H-M   'P 21 21 21'
#
loop_
_entity.id
_entity.type
_entity.pdbx_description
1 polymer 'DNA polymerase'
2 polymer 'DNA template'
3 polymer 'DNA primer'
4 non-polymer "2'-DEOXYCYTIDINE-5'-TRIPHOSPHATE"
5 non-polymer 'CALCIUM ION'
6 water water
#
loop_
_entity_poly.entity_id
_entity_poly.type
_entity_poly.pdbx_seq_one_letter_code
_entity_poly.pdbx_strand_id
1 'polypeptide(L)'
;MKEFYLTVEQIGDSIFERYIDSNGRERTREVEYKPSLFAHCPESQATKYFDIYGKPCTRKLFANMRDASQWIKRMEDIGL
EALGMDDFKLAYLSDTYNYEIKYDHTKIRVANFDIEVTSPDGFPEPSQAKHPIDAITHYDSIDDRFYVFDLLNSPYGNVE
EWSIEIAAKLQEQGGDEVPSEIIDKIIYMPFDNEKELLMEYLNFWQQKTPVILTGWNVESFAIPYVYNRIKNIFGESTAK
RLSPHRKTRVKVIENMYGSREIITLFGISVLDYIDLYKKFSFTNQPSYSLDYISEFELNVGKLKYDGPISKLRESNHQRY
ISYNIIAVYRVLQIDAKRQFINLSLDMGYYAKIQIQSVFSPIKTWDAIIFNSLKEQNKVIPQGRSHPVQPYPGAFVKEPI
PNRYKYVMSFDLTSAYPSIIRQVNISPETIAGTFKVAPLHDYINAVAERPSDVYSCSPNGMMYYKDRDGVVPTEITKVFN
QRKEHKGYMLAAQRNGEIIKEALHNPNLSVDEPLDVDYRFDFSDEIKEKIKKLSAKSLNEMLFRAQRTEVAGMTAQINRK
ALINGLAGALGNVWFRYYDLRNATAITTFGQMALQWIERKVNEYLNEVCGTEGEAFVLYGDTDSIYVSADKIIDKVGESK
FRDTNHWVDFLDKFARERMEPAIDRGFREMCEYMNNKQHLMFMDREAIAGPPLGSKGIGGFWTGKKRYALNVWDMEGTRY
AEPKLKIMGLETQKSSTPKAVQKALKECIRRMLQEGEESLQEYFKEFEKEFRQLNYISIASVSSANNIAKYDVGGFPGPK
CPFHIRGILTYNRAIKGNIDAPQVVEGEKVYVLPLREGNPFGDKCIAWPSGTEITDLIKDDVLHWMDYTVLLEKTFIKPL
EGFTSAAKLDYEKKASLFDMFDF
;
A
2 'polydeoxyribonucleotide' (DC)(DG)(DT)(DG)(DT)(DA)(DA)(DT)(DC)(DA)(DG)(DT)(DC)(DC)(DG)(DC)(DG) T
3 'polydeoxyribonucleotide' (DG)(DC)(DG)(DG)(DA)(DC)(DT)(DG)(DG)(DT)(DT)(DA)(DOC) P
#
loop_
_chem_comp.id
_chem_comp.type
_chem_comp.name
_chem_comp.formula
CA non-polymer 'CALCIUM ION' 'Ca 2'
DA DNA linking 2'-DEOXYADENOSINE-5'-MONOPHOSPHATE 'C10 H14 N5 O6 P'
DC DNA linking 2'-DEOXYCYTIDINE-5'-MONOPHOSPHATE 'C9 H14 N3 O7 P'
DCP non-polymer 2'-DEOXYCYTIDINE-5'-TRIPHOSPHATE 'C9 H16 N3 O13 P3'
DG DNA linking 2'-DEOXYGUANOSINE-5'-MONOPHOSPHATE 'C10 H14 N5 O7 P'
DOC DNA linking 2',3'-DIDEOXYCYTIDINE-5'-MONOPHOSPHATE 'C9 H14 N3 O6 P'
DT DNA linking THYMIDINE-5'-MONOPHOSPHATE 'C10 H15 N2 O8 P'
#
# COMPACT_ATOMS: atom_id res chain seq x y z
N MET A 1 -14.80 21.95 23.43
CA MET A 1 -14.48 20.64 22.81
C MET A 1 -13.63 19.77 23.73
N LYS A 2 -13.69 18.45 23.51
CA LYS A 2 -12.79 17.52 24.18
C LYS A 2 -11.38 17.75 23.65
N GLU A 3 -10.40 17.71 24.55
CA GLU A 3 -9.01 17.90 24.19
C GLU A 3 -8.42 16.70 23.46
N PHE A 4 -7.40 16.97 22.65
CA PHE A 4 -6.61 15.91 22.08
C PHE A 4 -5.15 16.33 21.95
N TYR A 5 -4.25 15.35 22.03
CA TYR A 5 -2.84 15.59 21.87
C TYR A 5 -2.51 15.80 20.39
N LEU A 6 -1.41 16.50 20.14
CA LEU A 6 -0.82 16.57 18.81
C LEU A 6 0.45 15.71 18.79
N THR A 7 1.39 16.02 19.66
CA THR A 7 2.64 15.25 19.75
C THR A 7 2.97 14.95 21.20
N VAL A 8 3.69 13.84 21.42
CA VAL A 8 4.19 13.51 22.74
C VAL A 8 5.63 12.99 22.66
N GLU A 9 6.47 13.43 23.60
CA GLU A 9 7.85 12.96 23.70
C GLU A 9 8.26 12.68 25.15
N GLN A 10 9.19 11.75 25.33
CA GLN A 10 9.91 11.64 26.60
C GLN A 10 11.27 12.31 26.45
N ILE A 11 11.54 13.30 27.30
CA ILE A 11 12.88 13.89 27.38
C ILE A 11 13.40 13.84 28.82
N GLY A 12 14.21 12.83 29.11
CA GLY A 12 14.67 12.62 30.48
C GLY A 12 13.51 12.20 31.34
N ASP A 13 13.26 12.94 32.42
CA ASP A 13 12.16 12.61 33.33
C ASP A 13 10.91 13.47 33.12
N SER A 14 10.85 14.13 31.97
CA SER A 14 9.69 14.92 31.61
C SER A 14 9.00 14.37 30.37
N ILE A 15 7.68 14.47 30.36
CA ILE A 15 6.92 14.27 29.14
C ILE A 15 6.70 15.64 28.54
N PHE A 16 7.08 15.80 27.28
CA PHE A 16 6.74 17.01 26.54
C PHE A 16 5.56 16.74 25.60
N GLU A 17 4.49 17.52 25.75
CA GLU A 17 3.26 17.28 24.99
C GLU A 17 2.73 18.56 24.37
N ARG A 18 2.45 18.49 23.06
CA ARG A 18 1.73 19.56 22.38
C ARG A 18 0.31 19.06 22.23
N TYR A 19 -0.66 19.89 22.58
CA TYR A 19 -2.04 19.47 22.55
C TYR A 19 -2.98 20.61 22.15
N ILE A 20 -4.22 20.22 21.83
CA ILE A 20 -5.29 21.16 21.60
C ILE A 20 -6.14 21.17 22.85
N ASP A 21 -6.28 22.34 23.47
CA ASP A 21 -7.01 22.45 24.75
C ASP A 21 -8.52 22.55 24.51
N SER A 22 -9.28 22.66 25.59
CA SER A 22 -10.75 22.65 25.49
C SER A 22 -11.34 23.79 24.67
N ASN A 23 -10.52 24.80 24.33
CA ASN A 23 -10.98 25.96 23.56
C ASN A 23 -10.48 25.95 22.12
N GLY A 24 -9.70 24.92 21.76
CA GLY A 24 -9.22 24.76 20.40
C GLY A 24 -7.90 25.45 20.17
N ARG A 25 -7.25 25.81 21.25
CA ARG A 25 -5.93 26.44 21.21
C ARG A 25 -4.83 25.39 21.31
N GLU A 26 -3.82 25.54 20.45
CA GLU A 26 -2.59 24.79 20.63
C GLU A 26 -1.81 25.26 21.87
N ARG A 27 -1.46 24.30 22.72
CA ARG A 27 -0.63 24.54 23.89
C ARG A 27 0.53 23.55 23.94
N THR A 28 1.48 23.82 24.83
CA THR A 28 2.58 22.91 25.12
C THR A 28 2.80 22.85 26.63
N ARG A 29 3.06 21.66 27.15
CA ARG A 29 3.34 21.50 28.56
C ARG A 29 4.45 20.49 28.79
N GLU A 30 5.21 20.70 29.86
CA GLU A 30 6.20 19.76 30.36
C GLU A 30 5.60 19.15 31.61
N VAL A 31 5.47 17.83 31.61
CA VAL A 31 4.87 17.11 32.74
C VAL A 31 5.88 16.13 33.32
N GLU A 32 6.06 16.22 34.65
CA GLU A 32 6.96 15.33 35.38
C GLU A 32 6.22 14.03 35.71
N TYR A 33 5.89 13.29 34.66
CA TYR A 33 5.03 12.12 34.73
C TYR A 33 5.67 11.00 35.53
N LYS A 34 4.93 10.50 36.50
CA LYS A 34 5.37 9.40 37.32
C LYS A 34 4.72 8.12 36.81
N PRO A 35 5.53 7.23 36.20
CA PRO A 35 5.00 6.03 35.58
C PRO A 35 4.79 4.94 36.63
N SER A 36 3.89 4.00 36.31
CA SER A 36 3.72 2.78 37.10
C SER A 36 4.11 1.56 36.30
N LEU A 37 4.73 0.61 36.99
CA LEU A 37 4.97 -0.73 36.46
C LEU A 37 4.47 -1.74 37.50
N PHE A 38 4.58 -3.03 37.19
CA PHE A 38 3.90 -4.06 37.95
C PHE A 38 4.75 -5.29 38.19
N ALA A 39 4.59 -5.89 39.37
CA ALA A 39 5.22 -7.15 39.69
C ALA A 39 4.16 -8.14 40.16
N HIS A 40 4.32 -9.42 39.82
CA HIS A 40 3.48 -10.46 40.38
C HIS A 40 3.57 -10.38 41.91
N CYS A 41 2.47 -10.69 42.60
CA CYS A 41 2.46 -10.67 44.07
C CYS A 41 1.72 -11.90 44.66
N PRO A 42 1.86 -12.17 45.97
CA PRO A 42 1.13 -13.32 46.53
C PRO A 42 -0.38 -13.12 46.49
N GLU A 43 -1.13 -14.23 46.47
CA GLU A 43 -2.58 -14.19 46.48
C GLU A 43 -3.12 -13.54 47.76
N SER A 44 -2.33 -13.67 48.82
CA SER A 44 -2.67 -13.08 50.12
C SER A 44 -2.68 -11.54 50.07
N GLN A 45 -2.08 -10.98 49.03
CA GLN A 45 -2.01 -9.53 48.90
C GLN A 45 -3.19 -8.98 48.10
N ALA A 46 -3.97 -8.12 48.75
CA ALA A 46 -5.16 -7.52 48.15
C ALA A 46 -4.81 -6.54 47.03
N THR A 47 -5.38 -6.78 45.85
CA THR A 47 -5.15 -5.91 44.71
C THR A 47 -6.33 -5.92 43.75
N LYS A 48 -6.38 -4.90 42.90
CA LYS A 48 -7.31 -4.87 41.79
C LYS A 48 -6.60 -5.05 40.43
N TYR A 49 -5.30 -5.31 40.45
CA TYR A 49 -4.53 -5.49 39.21
C TYR A 49 -4.18 -6.95 38.96
N PHE A 50 -4.53 -7.43 37.77
CA PHE A 50 -4.22 -8.80 37.40
C PHE A 50 -3.55 -8.86 36.04
N ASP A 51 -2.60 -9.78 35.87
CA ASP A 51 -2.00 -9.99 34.56
C ASP A 51 -3.06 -10.66 33.68
N ILE A 52 -2.75 -10.92 32.41
CA ILE A 52 -3.81 -11.34 31.49
C ILE A 52 -4.31 -12.75 31.78
N TYR A 53 -3.55 -13.50 32.58
CA TYR A 53 -3.87 -14.87 32.96
C TYR A 53 -4.60 -14.96 34.31
N GLY A 54 -4.98 -13.81 34.87
CA GLY A 54 -5.65 -13.79 36.17
C GLY A 54 -4.76 -13.91 37.40
N LYS A 55 -3.45 -13.73 37.23
CA LYS A 55 -2.54 -13.72 38.38
C LYS A 55 -2.40 -12.30 38.94
N PRO A 56 -2.41 -12.15 40.29
CA PRO A 56 -2.44 -10.82 40.92
C PRO A 56 -1.12 -10.06 40.78
N CYS A 57 -1.23 -8.75 40.63
CA CYS A 57 -0.06 -7.89 40.52
C CYS A 57 -0.11 -6.74 41.54
N THR A 58 1.07 -6.33 41.99
CA THR A 58 1.22 -5.09 42.75
C THR A 58 1.71 -3.98 41.81
N ARG A 59 1.13 -2.78 41.97
CA ARG A 59 1.57 -1.63 41.21
C ARG A 59 2.76 -0.97 41.90
N LYS A 60 3.80 -0.72 41.13
CA LYS A 60 4.96 0.01 41.61
C LYS A 60 4.99 1.41 40.98
N LEU A 61 4.82 2.43 41.81
CA LEU A 61 4.87 3.83 41.36
C LEU A 61 6.31 4.34 41.53
N PHE A 62 6.80 5.06 40.52
CA PHE A 62 8.19 5.54 40.53
C PHE A 62 8.30 7.06 40.61
N ALA A 63 9.31 7.55 41.32
CA ALA A 63 9.56 8.98 41.45
C ALA A 63 9.67 9.67 40.10
N ASN A 64 10.18 8.93 39.12
CA ASN A 64 10.38 9.45 37.77
C ASN A 64 10.54 8.33 36.78
N MET A 65 10.63 8.65 35.50
CA MET A 65 10.73 7.63 34.47
C MET A 65 12.06 6.89 34.46
N ARG A 66 13.15 7.57 34.78
CA ARG A 66 14.46 6.90 34.79
C ARG A 66 14.53 5.80 35.84
N ASP A 67 13.90 6.02 36.99
CA ASP A 67 13.82 4.99 38.03
C ASP A 67 13.05 3.76 37.52
N ALA A 68 11.90 4.00 36.88
CA ALA A 68 11.13 2.90 36.29
C ALA A 68 11.99 2.08 35.32
N SER A 69 12.80 2.75 34.51
CA SER A 69 13.68 2.08 33.56
C SER A 69 14.78 1.26 34.24
N GLN A 70 15.39 1.84 35.26
CA GLN A 70 16.43 1.15 36.01
C GLN A 70 15.86 -0.07 36.71
N TRP A 71 14.61 0.05 37.17
CA TRP A 71 13.90 -1.07 37.78
C TRP A 71 13.75 -2.23 36.81
N ILE A 72 13.39 -1.94 35.57
CA ILE A 72 13.27 -2.99 34.55
C ILE A 72 14.60 -3.76 34.40
N LYS A 73 15.70 -3.03 34.34
CA LYS A 73 17.03 -3.66 34.26
C LYS A 73 17.34 -4.58 35.44
N ARG A 74 17.06 -4.11 36.65
CA ARG A 74 17.33 -4.90 37.84
C ARG A 74 16.45 -6.15 37.94
N MET A 75 15.23 -6.08 37.42
CA MET A 75 14.34 -7.23 37.38
C MET A 75 14.85 -8.29 36.39
N GLU A 76 15.60 -7.84 35.40
CA GLU A 76 16.25 -8.77 34.48
C GLU A 76 17.46 -9.39 35.19
N ASP A 77 18.23 -8.59 35.90
CA ASP A 77 19.40 -9.07 36.67
C ASP A 77 19.00 -10.04 37.80
N ILE A 78 17.74 -9.98 38.21
CA ILE A 78 17.21 -10.90 39.20
C ILE A 78 16.56 -12.09 38.48
N GLY A 79 16.01 -11.85 37.29
CA GLY A 79 15.35 -12.90 36.52
C GLY A 79 13.87 -13.01 36.82
N LEU A 80 13.21 -11.86 36.99
CA LEU A 80 11.77 -11.79 37.24
C LEU A 80 11.09 -10.86 36.25
N GLU A 81 9.84 -11.17 35.93
CA GLU A 81 9.09 -10.41 34.96
C GLU A 81 8.74 -9.03 35.48
N ALA A 82 9.08 -8.01 34.70
CA ALA A 82 8.68 -6.63 34.95
C ALA A 82 7.51 -6.31 34.02
N LEU A 83 6.29 -6.29 34.56
CA LEU A 83 5.07 -6.11 33.77
C LEU A 83 4.67 -4.64 33.52
N GLY A 84 3.90 -4.40 32.46
CA GLY A 84 3.34 -3.07 32.21
C GLY A 84 3.90 -2.32 31.01
N MET A 85 3.26 -1.21 30.65
CA MET A 85 3.71 -0.42 29.50
C MET A 85 5.06 0.24 29.74
N ASP A 86 6.09 -0.32 29.12
CA ASP A 86 7.46 0.17 29.27
C ASP A 86 7.74 1.42 28.41
N ASP A 87 6.87 1.68 27.43
CA ASP A 87 6.96 2.93 26.66
C ASP A 87 6.10 3.97 27.36
N PHE A 88 6.74 4.81 28.17
CA PHE A 88 6.03 5.68 29.10
C PHE A 88 5.16 6.73 28.44
N LYS A 89 5.54 7.19 27.25
CA LYS A 89 4.68 8.16 26.58
C LYS A 89 3.32 7.57 26.19
N LEU A 90 3.29 6.27 25.86
CA LEU A 90 2.04 5.58 25.61
C LEU A 90 1.19 5.43 26.87
N ALA A 91 1.85 5.26 28.02
CA ALA A 91 1.10 5.19 29.28
C ALA A 91 0.54 6.56 29.65
N TYR A 92 1.34 7.59 29.37
CA TYR A 92 0.95 8.98 29.61
C TYR A 92 -0.29 9.35 28.79
N LEU A 93 -0.29 8.97 27.51
CA LEU A 93 -1.43 9.22 26.65
C LEU A 93 -2.64 8.46 27.16
N SER A 94 -2.39 7.26 27.68
CA SER A 94 -3.48 6.42 28.17
C SER A 94 -4.12 7.02 29.42
N ASP A 95 -3.29 7.65 30.26
CA ASP A 95 -3.77 8.30 31.49
C ASP A 95 -4.44 9.64 31.20
N THR A 96 -3.93 10.35 30.20
CA THR A 96 -4.34 11.72 29.93
C THR A 96 -5.57 11.80 29.04
N TYR A 97 -5.74 10.79 28.17
CA TYR A 97 -6.86 10.75 27.23
C TYR A 97 -7.62 9.44 27.41
N ASN A 98 -8.25 9.29 28.58
CA ASN A 98 -8.97 8.06 28.90
C ASN A 98 -10.40 8.00 28.31
N TYR A 99 -10.50 8.27 27.02
CA TYR A 99 -11.77 8.24 26.31
C TYR A 99 -11.50 8.06 24.83
N GLU A 100 -12.56 7.78 24.07
CA GLU A 100 -12.48 7.74 22.62
C GLU A 100 -12.18 9.14 22.09
N ILE A 101 -10.98 9.33 21.54
CA ILE A 101 -10.54 10.65 21.07
C ILE A 101 -11.34 11.15 19.86
N LYS A 102 -11.89 12.35 20.00
CA LYS A 102 -12.47 13.05 18.86
C LYS A 102 -11.57 14.23 18.53
N TYR A 103 -10.94 14.16 17.37
CA TYR A 103 -9.97 15.16 16.98
C TYR A 103 -10.56 16.07 15.91
N ASP A 104 -9.99 17.25 15.74
CA ASP A 104 -10.46 18.20 14.74
C ASP A 104 -9.26 18.56 13.89
N HIS A 105 -9.23 18.01 12.68
CA HIS A 105 -8.08 18.18 11.78
C HIS A 105 -7.79 19.63 11.43
N THR A 106 -8.84 20.46 11.42
CA THR A 106 -8.69 21.90 11.14
C THR A 106 -7.79 22.59 12.16
N LYS A 107 -7.66 22.00 13.34
CA LYS A 107 -6.79 22.56 14.40
C LYS A 107 -5.37 22.02 14.35
N ILE A 108 -5.13 21.03 13.49
CA ILE A 108 -3.83 20.38 13.41
C ILE A 108 -2.98 21.00 12.29
N ARG A 109 -1.82 21.53 12.63
CA ARG A 109 -0.97 22.17 11.63
C ARG A 109 -0.23 21.15 10.79
N VAL A 110 -0.63 21.03 9.52
CA VAL A 110 0.00 20.09 8.59
C VAL A 110 0.90 20.89 7.64
N ALA A 111 2.21 20.66 7.73
CA ALA A 111 3.15 21.38 6.87
C ALA A 111 3.68 20.47 5.78
N ASN A 112 3.77 21.06 4.59
CA ASN A 112 4.16 20.36 3.38
C ASN A 112 5.21 21.21 2.73
N PHE A 113 6.44 20.72 2.68
CA PHE A 113 7.51 21.55 2.13
C PHE A 113 8.44 20.79 1.20
N ASP A 114 9.17 21.55 0.40
CA ASP A 114 10.17 21.03 -0.51
C ASP A 114 11.27 22.08 -0.60
N ILE A 115 12.53 21.62 -0.69
CA ILE A 115 13.65 22.54 -0.84
C ILE A 115 14.39 22.33 -2.17
N GLU A 116 15.00 23.39 -2.69
CA GLU A 116 15.88 23.30 -3.85
C GLU A 116 17.31 23.58 -3.43
N VAL A 117 18.25 22.86 -4.03
CA VAL A 117 19.68 23.04 -3.78
C VAL A 117 20.50 22.82 -5.08
N THR A 118 21.03 23.89 -5.64
CA THR A 118 21.89 23.83 -6.82
C THR A 118 23.23 23.17 -6.47
N SER A 119 23.58 22.13 -7.21
CA SER A 119 24.88 21.47 -7.06
C SER A 119 25.54 21.16 -8.42
N PRO A 120 26.77 21.65 -8.62
CA PRO A 120 27.58 21.32 -9.82
C PRO A 120 28.29 19.96 -9.76
N ASP A 121 28.68 19.52 -8.56
CA ASP A 121 29.45 18.28 -8.42
C ASP A 121 28.63 17.06 -7.97
N GLY A 122 27.43 16.93 -8.54
CA GLY A 122 26.60 15.75 -8.33
C GLY A 122 25.55 15.95 -7.26
N PHE A 123 24.91 14.85 -6.86
CA PHE A 123 23.88 14.87 -5.82
C PHE A 123 24.40 15.52 -4.53
N PRO A 124 23.62 16.45 -3.97
CA PRO A 124 24.02 17.14 -2.75
C PRO A 124 23.72 16.31 -1.50
N GLU A 125 24.77 15.78 -0.87
CA GLU A 125 24.57 14.90 0.29
C GLU A 125 24.02 15.62 1.51
N PRO A 126 22.86 15.15 2.00
CA PRO A 126 22.22 15.73 3.19
C PRO A 126 23.20 15.82 4.36
N SER A 127 24.01 14.78 4.57
CA SER A 127 24.93 14.74 5.72
C SER A 127 26.08 15.75 5.64
N GLN A 128 26.40 16.19 4.43
CA GLN A 128 27.45 17.17 4.24
C GLN A 128 26.89 18.60 4.18
N ALA A 129 25.77 18.74 3.46
CA ALA A 129 25.13 20.04 3.21
C ALA A 129 26.11 21.16 2.79
N LYS A 130 26.92 20.88 1.77
CA LYS A 130 27.98 21.80 1.42
C LYS A 130 27.55 22.90 0.45
N HIS A 131 26.33 22.78 -0.07
CA HIS A 131 25.80 23.76 -1.02
C HIS A 131 24.65 24.60 -0.46
N PRO A 132 24.54 25.86 -0.90
CA PRO A 132 23.46 26.74 -0.41
C PRO A 132 22.05 26.22 -0.71
N ILE A 133 21.13 26.47 0.23
CA ILE A 133 19.71 26.21 0.02
C ILE A 133 19.17 27.45 -0.67
N ASP A 134 18.72 27.29 -1.91
CA ASP A 134 18.36 28.45 -2.74
C ASP A 134 16.87 28.62 -3.00
N ALA A 135 16.05 27.69 -2.50
CA ALA A 135 14.59 27.83 -2.51
C ALA A 135 13.94 26.92 -1.47
N ILE A 136 12.94 27.46 -0.76
CA ILE A 136 12.04 26.63 0.04
C ILE A 136 10.61 27.08 -0.22
N THR A 137 9.73 26.13 -0.56
CA THR A 137 8.31 26.37 -0.52
C THR A 137 7.71 25.52 0.59
N HIS A 138 6.99 26.19 1.49
CA HIS A 138 6.44 25.60 2.69
C HIS A 138 4.95 25.92 2.75
N TYR A 139 4.11 24.93 2.44
CA TYR A 139 2.66 25.09 2.59
C TYR A 139 2.23 24.81 4.02
N ASP A 140 1.37 25.68 4.57
CA ASP A 140 0.79 25.52 5.90
C ASP A 140 -0.72 25.22 5.80
N SER A 141 -1.20 24.15 6.44
CA SER A 141 -2.61 23.75 6.30
C SER A 141 -3.58 24.68 7.02
N ILE A 142 -3.12 25.28 8.12
CA ILE A 142 -3.92 26.22 8.87
C ILE A 142 -4.10 27.56 8.14
N ASP A 143 -3.01 28.13 7.63
CA ASP A 143 -3.11 29.38 6.84
C ASP A 143 -3.63 29.15 5.43
N ASP A 144 -3.51 27.92 4.92
CA ASP A 144 -3.86 27.60 3.54
C ASP A 144 -2.99 28.45 2.59
N ARG A 145 -1.70 28.56 2.91
CA ARG A 145 -0.80 29.40 2.12
C ARG A 145 0.51 28.71 1.79
N PHE A 146 1.02 28.99 0.60
CA PHE A 146 2.34 28.54 0.18
C PHE A 146 3.31 29.66 0.47
N TYR A 147 4.24 29.39 1.39
CA TYR A 147 5.28 30.36 1.70
C TYR A 147 6.53 30.03 0.93
N VAL A 148 6.99 31.00 0.14
CA VAL A 148 8.11 30.80 -0.80
C VAL A 148 9.31 31.63 -0.37
N PHE A 149 10.42 30.94 -0.13
CA PHE A 149 11.63 31.54 0.33
C PHE A 149 12.63 31.37 -0.80
N ASP A 150 13.04 32.49 -1.39
CA ASP A 150 13.77 32.48 -2.65
C ASP A 150 15.13 33.20 -2.53
N LEU A 151 16.21 32.47 -2.83
CA LEU A 151 17.54 33.05 -2.70
C LEU A 151 17.92 33.70 -4.02
N LEU A 152 18.12 35.01 -3.99
CA LEU A 152 18.46 35.77 -5.20
C LEU A 152 19.95 35.79 -5.47
N ASN A 153 20.74 35.71 -4.41
CA ASN A 153 22.19 35.83 -4.51
C ASN A 153 22.89 34.63 -3.89
N SER A 154 23.65 33.94 -4.73
CA SER A 154 24.33 32.71 -4.36
C SER A 154 25.69 32.69 -5.04
N PRO A 155 26.67 31.94 -4.48
CA PRO A 155 27.93 31.68 -5.20
C PRO A 155 27.74 30.99 -6.55
N TYR A 156 26.57 30.36 -6.78
CA TYR A 156 26.31 29.70 -8.07
C TYR A 156 25.49 30.55 -9.04
N GLY A 157 25.27 31.80 -8.68
CA GLY A 157 24.60 32.75 -9.57
C GLY A 157 23.69 33.74 -8.85
N ASN A 158 23.66 34.96 -9.37
CA ASN A 158 22.73 35.99 -8.92
C ASN A 158 21.56 36.08 -9.88
N VAL A 159 20.35 36.20 -9.34
CA VAL A 159 19.16 36.17 -10.18
C VAL A 159 18.15 37.28 -9.84
N GLU A 160 17.17 37.47 -10.72
CA GLU A 160 16.08 38.41 -10.50
C GLU A 160 14.97 37.74 -9.71
N GLU A 161 14.06 38.54 -9.14
CA GLU A 161 12.92 38.00 -8.41
C GLU A 161 12.06 37.12 -9.31
N TRP A 162 11.36 36.20 -8.70
CA TRP A 162 10.38 35.38 -9.42
C TRP A 162 9.13 36.22 -9.67
N SER A 163 8.51 35.99 -10.82
CA SER A 163 7.34 36.76 -11.22
C SER A 163 6.06 35.94 -11.15
N ILE A 164 5.17 36.27 -10.22
CA ILE A 164 3.90 35.54 -10.06
C ILE A 164 3.03 35.65 -11.31
N GLU A 165 3.20 36.74 -12.06
CA GLU A 165 2.42 36.98 -13.27
C GLU A 165 2.85 36.05 -14.39
N ILE A 166 4.15 35.88 -14.57
CA ILE A 166 4.65 34.94 -15.58
C ILE A 166 4.32 33.50 -15.16
N ALA A 167 4.42 33.25 -13.86
CA ALA A 167 4.13 31.93 -13.30
C ALA A 167 2.70 31.44 -13.63
N ALA A 168 1.74 32.36 -13.57
CA ALA A 168 0.32 32.07 -13.88
C ALA A 168 0.02 31.82 -15.36
N LYS A 169 0.85 32.35 -16.26
CA LYS A 169 0.59 32.27 -17.69
C LYS A 169 0.72 30.83 -18.21
N LEU A 170 0.06 30.54 -19.32
CA LEU A 170 0.20 29.23 -19.97
C LEU A 170 1.64 29.01 -20.43
N GLN A 171 2.06 27.74 -20.51
CA GLN A 171 3.34 27.36 -21.11
C GLN A 171 3.46 27.99 -22.49
N GLU A 172 2.34 28.02 -23.20
CA GLU A 172 2.24 28.59 -24.53
C GLU A 172 2.39 30.13 -24.56
N GLN A 173 2.29 30.78 -23.40
CA GLN A 173 2.53 32.21 -23.29
C GLN A 173 3.94 32.51 -22.77
N GLY A 174 4.70 31.45 -22.55
CA GLY A 174 6.04 31.56 -21.96
C GLY A 174 6.00 31.45 -20.46
N GLY A 175 4.81 31.18 -19.93
CA GLY A 175 4.61 31.03 -18.48
C GLY A 175 4.88 29.64 -17.95
N ASP A 176 4.62 29.44 -16.67
CA ASP A 176 4.96 28.18 -16.01
C ASP A 176 3.71 27.40 -15.60
N GLU A 177 2.54 27.94 -15.91
CA GLU A 177 1.25 27.30 -15.60
C GLU A 177 1.13 26.81 -14.16
N VAL A 178 1.55 27.64 -13.21
CA VAL A 178 1.17 27.45 -11.81
C VAL A 178 -0.37 27.58 -11.76
N PRO A 179 -1.07 26.54 -11.24
CA PRO A 179 -2.54 26.48 -11.24
C PRO A 179 -3.20 27.71 -10.64
N SER A 180 -4.26 28.19 -11.30
CA SER A 180 -4.92 29.43 -10.88
C SER A 180 -5.48 29.36 -9.45
N GLU A 181 -5.89 28.17 -9.01
CA GLU A 181 -6.51 28.02 -7.70
C GLU A 181 -5.54 28.20 -6.52
N ILE A 182 -4.24 28.22 -6.79
CA ILE A 182 -3.25 28.50 -5.74
C ILE A 182 -2.47 29.81 -5.90
N ILE A 183 -2.68 30.54 -7.00
CA ILE A 183 -1.98 31.80 -7.22
C ILE A 183 -2.21 32.79 -6.09
N ASP A 184 -3.47 32.92 -5.67
CA ASP A 184 -3.84 33.86 -4.61
C ASP A 184 -3.33 33.39 -3.25
N LYS A 185 -2.78 32.16 -3.21
CA LYS A 185 -2.35 31.53 -1.96
C LYS A 185 -0.85 31.57 -1.74
N ILE A 186 -0.14 32.29 -2.62
CA ILE A 186 1.31 32.33 -2.56
C ILE A 186 1.84 33.59 -1.88
N ILE A 187 2.73 33.38 -0.91
CA ILE A 187 3.37 34.45 -0.18
C ILE A 187 4.86 34.33 -0.44
N TYR A 188 5.35 35.23 -1.28
CA TYR A 188 6.66 35.14 -1.87
C TYR A 188 7.62 36.08 -1.16
N MET A 189 8.76 35.54 -0.74
CA MET A 189 9.75 36.30 0.00
C MET A 189 11.13 36.04 -0.61
N PRO A 190 11.65 37.02 -1.38
CA PRO A 190 13.00 36.94 -1.92
C PRO A 190 14.02 37.38 -0.88
N PHE A 191 15.22 36.83 -0.95
CA PHE A 191 16.27 37.13 0.02
C PHE A 191 17.57 37.44 -0.66
N ASP A 192 18.29 38.39 -0.09
CA ASP A 192 19.58 38.84 -0.60
C ASP A 192 20.70 37.85 -0.31
N ASN A 193 20.52 37.07 0.76
CA ASN A 193 21.53 36.10 1.16
C ASN A 193 20.96 34.92 1.95
N GLU A 194 21.70 33.82 1.95
CA GLU A 194 21.23 32.56 2.48
C GLU A 194 21.02 32.62 4.00
N LYS A 195 21.91 33.33 4.71
CA LYS A 195 21.80 33.48 6.15
C LYS A 195 20.45 34.08 6.55
N GLU A 196 20.04 35.18 5.92
CA GLU A 196 18.76 35.79 6.25
C GLU A 196 17.56 34.90 5.86
N LEU A 197 17.62 34.30 4.68
CA LEU A 197 16.61 33.32 4.26
C LEU A 197 16.39 32.30 5.39
N LEU A 198 17.47 31.65 5.80
CA LEU A 198 17.41 30.60 6.79
C LEU A 198 16.99 31.09 8.18
N MET A 199 17.41 32.29 8.57
CA MET A 199 17.00 32.86 9.87
C MET A 199 15.51 33.19 9.85
N GLU A 200 15.07 33.79 8.75
CA GLU A 200 13.66 34.09 8.57
C GLU A 200 12.83 32.80 8.54
N TYR A 201 13.37 31.76 7.90
CA TYR A 201 12.68 30.46 7.83
C TYR A 201 12.43 29.90 9.23
N LEU A 202 13.48 29.87 10.04
CA LEU A 202 13.40 29.47 11.44
C LEU A 202 12.45 30.31 12.28
N ASN A 203 12.52 31.64 12.16
CA ASN A 203 11.56 32.51 12.85
C ASN A 203 10.12 32.16 12.44
N PHE A 204 9.96 31.87 11.15
CA PHE A 204 8.66 31.52 10.59
C PHE A 204 8.23 30.17 11.15
N TRP A 205 9.16 29.23 11.23
CA TRP A 205 8.92 27.88 11.76
C TRP A 205 8.42 27.92 13.20
N GLN A 206 9.00 28.80 14.01
CA GLN A 206 8.57 28.95 15.40
C GLN A 206 7.17 29.51 15.52
N GLN A 207 6.82 30.44 14.65
CA GLN A 207 5.45 30.97 14.60
C GLN A 207 4.48 29.89 14.13
N LYS A 208 4.92 29.06 13.21
CA LYS A 208 4.05 28.08 12.57
C LYS A 208 4.70 26.70 12.62
N THR A 209 4.80 26.16 13.83
CA THR A 209 5.51 24.90 14.06
C THR A 209 4.70 23.71 13.59
N PRO A 210 5.23 22.97 12.63
CA PRO A 210 4.48 21.81 12.12
C PRO A 210 4.16 20.84 13.24
N VAL A 211 2.98 20.24 13.16
CA VAL A 211 2.65 19.09 13.99
C VAL A 211 2.94 17.86 13.13
N ILE A 212 2.27 17.79 11.98
CA ILE A 212 2.56 16.79 10.96
C ILE A 212 3.46 17.42 9.92
N LEU A 213 4.58 16.76 9.63
CA LEU A 213 5.51 17.27 8.62
C LEU A 213 5.62 16.28 7.49
N THR A 214 5.37 16.74 6.27
CA THR A 214 5.33 15.85 5.12
C THR A 214 5.89 16.54 3.88
N GLY A 215 5.86 15.82 2.76
CA GLY A 215 6.51 16.25 1.54
C GLY A 215 6.92 15.01 0.79
N TRP A 216 7.87 15.17 -0.13
CA TRP A 216 8.36 14.04 -0.90
C TRP A 216 9.85 13.85 -0.65
N ASN A 217 10.18 12.75 0.05
CA ASN A 217 11.52 12.46 0.55
C ASN A 217 12.02 13.49 1.56
N VAL A 218 11.10 14.03 2.37
CA VAL A 218 11.51 15.04 3.35
C VAL A 218 12.37 14.42 4.44
N GLU A 219 12.00 13.20 4.86
CA GLU A 219 12.73 12.49 5.92
C GLU A 219 14.13 12.09 5.48
N SER A 220 14.27 11.63 4.24
CA SER A 220 15.59 11.23 3.73
C SER A 220 16.44 12.36 3.13
N PHE A 221 15.79 13.41 2.62
CA PHE A 221 16.54 14.52 2.02
C PHE A 221 16.35 15.89 2.67
N ALA A 222 15.15 16.45 2.55
CA ALA A 222 14.92 17.86 2.93
C ALA A 222 15.21 18.16 4.40
N ILE A 223 14.65 17.36 5.31
CA ILE A 223 14.85 17.61 6.75
C ILE A 223 16.33 17.53 7.14
N PRO A 224 17.02 16.41 6.79
CA PRO A 224 18.45 16.34 7.11
C PRO A 224 19.27 17.42 6.43
N TYR A 225 18.92 17.80 5.19
CA TYR A 225 19.67 18.86 4.52
C TYR A 225 19.52 20.22 5.21
N VAL A 226 18.28 20.59 5.51
CA VAL A 226 18.00 21.84 6.22
C VAL A 226 18.70 21.83 7.57
N TYR A 227 18.60 20.72 8.30
CA TYR A 227 19.21 20.62 9.62
C TYR A 227 20.72 20.77 9.54
N ASN A 228 21.33 20.08 8.59
CA ASN A 228 22.79 20.07 8.47
C ASN A 228 23.37 21.34 7.88
N ARG A 229 22.62 21.97 6.97
CA ARG A 229 23.04 23.25 6.42
C ARG A 229 23.05 24.34 7.49
N ILE A 230 21.95 24.45 8.23
CA ILE A 230 21.84 25.42 9.33
C ILE A 230 22.90 25.14 10.40
N LYS A 231 23.07 23.86 10.74
CA LYS A 231 24.17 23.43 11.61
C LYS A 231 25.56 23.91 11.14
N ASN A 232 25.85 23.73 9.86
CA ASN A 232 27.14 24.15 9.30
C ASN A 232 27.36 25.67 9.34
N ILE A 233 26.29 26.41 9.12
CA ILE A 233 26.35 27.86 9.01
C ILE A 233 26.28 28.56 10.38
N PHE A 234 25.40 28.08 11.27
CA PHE A 234 25.12 28.77 12.54
C PHE A 234 25.52 28.01 13.80
N GLY A 235 25.67 26.70 13.70
CA GLY A 235 25.95 25.89 14.89
C GLY A 235 24.78 24.98 15.22
N GLU A 236 25.03 24.00 16.07
CA GLU A 236 24.02 23.03 16.49
C GLU A 236 22.77 23.65 17.11
N SER A 237 22.96 24.56 18.07
CA SER A 237 21.84 25.06 18.87
C SER A 237 20.81 25.74 17.97
N THR A 238 21.29 26.38 16.91
CA THR A 238 20.40 27.05 15.97
C THR A 238 19.62 26.03 15.14
N ALA A 239 20.29 24.97 14.68
CA ALA A 239 19.62 23.92 13.90
C ALA A 239 18.53 23.18 14.69
N LYS A 240 18.73 23.07 16.01
CA LYS A 240 17.79 22.35 16.88
C LYS A 240 16.48 23.09 17.08
N ARG A 241 16.46 24.38 16.70
CA ARG A 241 15.22 25.17 16.64
C ARG A 241 14.14 24.56 15.73
N LEU A 242 14.53 23.61 14.89
CA LEU A 242 13.56 22.83 14.12
C LEU A 242 12.72 21.92 15.02
N SER A 243 13.18 21.71 16.25
CA SER A 243 12.40 20.99 17.25
C SER A 243 11.77 21.95 18.28
N PRO A 244 10.44 21.89 18.49
CA PRO A 244 9.78 22.78 19.45
C PRO A 244 10.28 22.63 20.89
N HIS A 245 10.92 21.49 21.19
CA HIS A 245 11.54 21.28 22.49
C HIS A 245 13.07 21.35 22.41
N ARG A 246 13.56 21.79 21.26
CA ARG A 246 14.99 21.97 21.02
C ARG A 246 15.82 20.69 21.18
N LYS A 247 15.20 19.54 20.91
CA LYS A 247 15.94 18.29 20.96
C LYS A 247 15.87 17.55 19.62
N THR A 248 17.04 17.10 19.16
CA THR A 248 17.14 16.31 17.95
C THR A 248 18.11 15.16 18.16
N ARG A 249 17.99 14.15 17.33
CA ARG A 249 18.90 13.02 17.37
C ARG A 249 19.12 12.49 15.97
N VAL A 250 20.38 12.28 15.62
CA VAL A 250 20.70 11.50 14.45
C VAL A 250 20.21 10.06 14.72
N LYS A 251 19.30 9.59 13.88
CA LYS A 251 18.86 8.20 13.95
C LYS A 251 19.43 7.47 12.76
N VAL A 252 20.07 6.34 13.04
CA VAL A 252 20.64 5.52 12.00
C VAL A 252 19.64 4.42 11.62
N ILE A 253 19.23 4.42 10.36
CA ILE A 253 18.31 3.43 9.82
C ILE A 253 19.14 2.29 9.20
N GLU A 254 18.95 1.09 9.72
CA GLU A 254 19.69 -0.08 9.23
C GLU A 254 18.79 -1.00 8.40
N ASN A 255 19.26 -1.33 7.20
CA ASN A 255 18.71 -2.45 6.45
C ASN A 255 19.74 -3.56 6.23
N MET A 256 19.35 -4.58 5.46
CA MET A 256 20.19 -5.74 5.19
C MET A 256 21.58 -5.37 4.63
N TYR A 257 21.63 -4.35 3.77
CA TYR A 257 22.82 -4.02 2.96
C TYR A 257 23.68 -2.87 3.48
N GLY A 258 23.08 -1.95 4.24
CA GLY A 258 23.82 -0.79 4.76
C GLY A 258 22.99 0.07 5.70
N SER A 259 23.32 1.35 5.77
CA SER A 259 22.61 2.27 6.65
C SER A 259 22.59 3.71 6.16
N ARG A 260 21.61 4.48 6.66
CA ARG A 260 21.44 5.88 6.34
C ARG A 260 21.02 6.66 7.59
N GLU A 261 21.21 7.97 7.57
CA GLU A 261 20.91 8.82 8.72
C GLU A 261 19.72 9.72 8.46
N ILE A 262 18.83 9.76 9.45
CA ILE A 262 17.74 10.72 9.45
C ILE A 262 17.82 11.53 10.73
N ILE A 263 17.17 12.68 10.75
CA ILE A 263 17.20 13.51 11.92
C ILE A 263 15.83 13.48 12.54
N THR A 264 15.77 12.99 13.78
CA THR A 264 14.56 12.98 14.56
C THR A 264 14.36 14.33 15.23
N LEU A 265 13.23 14.96 14.94
CA LEU A 265 12.84 16.22 15.54
C LEU A 265 11.82 15.97 16.65
N PHE A 266 12.28 15.96 17.89
CA PHE A 266 11.35 15.82 19.01
C PHE A 266 10.26 16.86 18.95
N GLY A 267 9.02 16.41 19.13
CA GLY A 267 7.84 17.28 19.11
C GLY A 267 7.26 17.53 17.73
N ILE A 268 7.78 16.81 16.74
CA ILE A 268 7.23 16.83 15.38
C ILE A 268 6.92 15.38 14.94
N SER A 269 5.87 15.21 14.14
CA SER A 269 5.51 13.91 13.59
C SER A 269 5.72 13.90 12.07
N VAL A 270 6.85 13.33 11.66
CA VAL A 270 7.21 13.31 10.25
C VAL A 270 6.51 12.16 9.54
N LEU A 271 5.59 12.49 8.65
CA LEU A 271 5.02 11.50 7.74
C LEU A 271 5.46 11.82 6.31
N ASP A 272 6.61 11.29 5.92
CA ASP A 272 7.12 11.49 4.56
C ASP A 272 6.13 10.85 3.58
N TYR A 273 5.63 11.63 2.62
CA TYR A 273 4.56 11.14 1.73
C TYR A 273 4.95 9.95 0.85
N ILE A 274 6.21 9.87 0.43
CA ILE A 274 6.68 8.69 -0.32
C ILE A 274 6.46 7.40 0.48
N ASP A 275 6.67 7.46 1.80
CA ASP A 275 6.50 6.30 2.67
C ASP A 275 5.03 6.06 2.98
N LEU A 276 4.27 7.14 3.18
CA LEU A 276 2.80 7.00 3.24
C LEU A 276 2.30 6.27 1.98
N TYR A 277 2.75 6.75 0.82
CA TYR A 277 2.35 6.19 -0.46
C TYR A 277 2.72 4.72 -0.57
N LYS A 278 3.95 4.37 -0.22
CA LYS A 278 4.39 2.97 -0.28
C LYS A 278 3.57 2.04 0.65
N LYS A 279 3.30 2.48 1.87
CA LYS A 279 2.56 1.62 2.80
C LYS A 279 1.08 1.48 2.42
N PHE A 280 0.46 2.59 2.04
CA PHE A 280 -0.98 2.64 1.89
C PHE A 280 -1.56 2.57 0.47
N SER A 281 -0.76 2.83 -0.57
CA SER A 281 -1.29 2.83 -1.94
C SER A 281 -1.63 1.48 -2.56
N PHE A 282 -0.91 0.43 -2.14
CA PHE A 282 -1.02 -0.91 -2.73
C PHE A 282 -0.76 -0.91 -4.24
N THR A 283 0.31 -0.21 -4.59
CA THR A 283 0.88 -0.24 -5.91
C THR A 283 2.35 -0.58 -5.74
N ASN A 284 2.96 -1.09 -6.82
CA ASN A 284 4.42 -1.12 -6.90
C ASN A 284 4.76 -0.38 -8.17
N GLN A 285 5.59 0.65 -8.03
CA GLN A 285 5.84 1.56 -9.13
C GLN A 285 7.20 1.28 -9.73
N PRO A 286 7.36 1.49 -11.05
CA PRO A 286 8.68 1.45 -11.69
C PRO A 286 9.56 2.59 -11.22
N SER A 287 8.96 3.69 -10.80
CA SER A 287 9.70 4.84 -10.29
C SER A 287 8.91 5.51 -9.17
N TYR A 288 9.64 6.16 -8.25
CA TYR A 288 9.03 6.92 -7.17
C TYR A 288 9.43 8.40 -7.18
N SER A 289 9.85 8.88 -8.35
CA SER A 289 10.03 10.32 -8.53
C SER A 289 8.65 10.98 -8.51
N LEU A 290 8.59 12.18 -7.95
CA LEU A 290 7.33 12.90 -7.82
C LEU A 290 6.63 13.11 -9.16
N ASP A 291 7.40 13.37 -10.21
CA ASP A 291 6.87 13.49 -11.58
C ASP A 291 6.10 12.25 -11.98
N TYR A 292 6.71 11.09 -11.73
CA TYR A 292 6.16 9.80 -12.10
C TYR A 292 4.88 9.48 -11.34
N ILE A 293 4.93 9.61 -10.01
CA ILE A 293 3.76 9.29 -9.20
C ILE A 293 2.64 10.30 -9.48
N SER A 294 3.02 11.57 -9.66
CA SER A 294 2.09 12.62 -10.03
C SER A 294 1.36 12.31 -11.34
N GLU A 295 2.11 11.88 -12.35
CA GLU A 295 1.52 11.53 -13.62
C GLU A 295 0.55 10.35 -13.45
N PHE A 296 0.96 9.38 -12.66
CA PHE A 296 0.16 8.16 -12.47
C PHE A 296 -1.12 8.48 -11.71
N GLU A 297 -0.99 9.28 -10.66
CA GLU A 297 -2.11 9.51 -9.76
C GLU A 297 -3.08 10.54 -10.31
N LEU A 298 -2.54 11.60 -10.93
CA LEU A 298 -3.33 12.77 -11.29
C LEU A 298 -3.52 12.97 -12.79
N ASN A 299 -2.71 12.29 -13.60
CA ASN A 299 -2.70 12.47 -15.05
C ASN A 299 -2.27 13.89 -15.44
N VAL A 300 -1.28 14.41 -14.73
CA VAL A 300 -0.67 15.69 -15.06
C VAL A 300 0.60 15.44 -15.84
N GLY A 301 0.89 16.33 -16.80
CA GLY A 301 2.08 16.22 -17.63
C GLY A 301 3.36 16.50 -16.85
N LYS A 302 4.42 15.77 -17.19
CA LYS A 302 5.75 15.95 -16.60
C LYS A 302 6.17 17.43 -16.63
N LEU A 303 6.86 17.86 -15.56
CA LEU A 303 7.44 19.21 -15.51
C LEU A 303 8.65 19.30 -16.45
N LYS A 304 8.45 19.99 -17.58
CA LYS A 304 9.42 20.02 -18.66
C LYS A 304 10.39 21.19 -18.51
N TYR A 305 11.69 20.88 -18.48
CA TYR A 305 12.75 21.88 -18.54
C TYR A 305 13.91 21.48 -19.45
N ASP A 306 14.63 22.48 -19.95
CA ASP A 306 15.83 22.26 -20.77
C ASP A 306 17.07 22.19 -19.89
N GLY A 307 18.02 21.35 -20.30
CA GLY A 307 19.28 21.19 -19.58
C GLY A 307 19.12 20.51 -18.22
N PRO A 308 20.25 20.33 -17.50
CA PRO A 308 20.21 19.65 -16.20
C PRO A 308 19.67 20.56 -15.09
N ILE A 309 19.23 19.94 -14.00
CA ILE A 309 18.74 20.69 -12.83
C ILE A 309 19.87 21.51 -12.21
N SER A 310 21.11 21.08 -12.40
CA SER A 310 22.29 21.76 -11.87
C SER A 310 22.46 23.16 -12.48
N LYS A 311 21.78 23.40 -13.60
CA LYS A 311 21.93 24.66 -14.33
C LYS A 311 20.61 25.41 -14.46
N LEU A 312 19.51 24.82 -13.99
CA LEU A 312 18.20 25.42 -14.13
C LEU A 312 18.01 26.76 -13.43
N ARG A 313 18.53 26.88 -12.21
CA ARG A 313 18.41 28.15 -11.51
C ARG A 313 19.01 29.30 -12.32
N GLU A 314 20.26 29.17 -12.76
CA GLU A 314 20.91 30.28 -13.46
C GLU A 314 20.37 30.50 -14.89
N SER A 315 19.92 29.43 -15.54
CA SER A 315 19.39 29.56 -16.89
C SER A 315 17.95 30.05 -16.90
N ASN A 316 17.16 29.58 -15.92
CA ASN A 316 15.74 29.88 -15.87
C ASN A 316 15.16 29.86 -14.45
N HIS A 317 15.56 30.84 -13.64
CA HIS A 317 15.14 30.96 -12.24
C HIS A 317 13.62 31.06 -12.06
N GLN A 318 12.95 31.70 -13.02
CA GLN A 318 11.50 31.82 -13.03
C GLN A 318 10.89 30.41 -12.93
N ARG A 319 11.23 29.55 -13.87
CA ARG A 319 10.74 28.16 -13.92
C ARG A 319 11.21 27.35 -12.71
N TYR A 320 12.46 27.60 -12.27
CA TYR A 320 13.05 26.95 -11.11
C TYR A 320 12.13 27.06 -9.89
N ILE A 321 11.77 28.30 -9.55
CA ILE A 321 10.88 28.59 -8.44
C ILE A 321 9.47 28.03 -8.65
N SER A 322 8.90 28.26 -9.83
CA SER A 322 7.55 27.75 -10.15
C SER A 322 7.42 26.24 -9.96
N TYR A 323 8.44 25.51 -10.38
CA TYR A 323 8.46 24.06 -10.26
C TYR A 323 8.63 23.63 -8.83
N ASN A 324 9.32 24.46 -8.05
CA ASN A 324 9.40 24.20 -6.61
C ASN A 324 8.03 24.35 -5.95
N ILE A 325 7.29 25.39 -6.31
CA ILE A 325 5.94 25.58 -5.77
C ILE A 325 5.00 24.45 -6.22
N ILE A 326 5.10 24.04 -7.50
CA ILE A 326 4.22 23.01 -8.04
C ILE A 326 4.46 21.65 -7.39
N ALA A 327 5.74 21.35 -7.14
CA ALA A 327 6.10 20.13 -6.43
C ALA A 327 5.35 19.99 -5.10
N VAL A 328 5.30 21.07 -4.33
CA VAL A 328 4.58 21.05 -3.06
C VAL A 328 3.08 20.81 -3.30
N TYR A 329 2.51 21.56 -4.24
CA TYR A 329 1.09 21.40 -4.58
C TYR A 329 0.77 19.97 -4.99
N ARG A 330 1.65 19.36 -5.78
CA ARG A 330 1.40 18.00 -6.25
C ARG A 330 1.15 17.00 -5.11
N VAL A 331 1.99 17.04 -4.07
CA VAL A 331 1.77 16.20 -2.91
C VAL A 331 0.36 16.41 -2.31
N LEU A 332 -0.03 17.67 -2.12
CA LEU A 332 -1.38 18.02 -1.66
C LEU A 332 -2.46 17.47 -2.59
N GLN A 333 -2.19 17.47 -3.89
CA GLN A 333 -3.16 16.99 -4.86
C GLN A 333 -3.33 15.48 -4.76
N ILE A 334 -2.21 14.77 -4.54
CA ILE A 334 -2.27 13.34 -4.33
C ILE A 334 -3.00 13.05 -3.01
N ASP A 335 -2.69 13.81 -1.98
CA ASP A 335 -3.37 13.61 -0.71
C ASP A 335 -4.87 13.87 -0.75
N ALA A 336 -5.28 14.93 -1.46
CA ALA A 336 -6.70 15.20 -1.64
C ALA A 336 -7.42 14.00 -2.24
N LYS A 337 -6.70 13.25 -3.06
CA LYS A 337 -7.24 12.06 -3.72
C LYS A 337 -7.21 10.83 -2.80
N ARG A 338 -6.01 10.50 -2.33
CA ARG A 338 -5.71 9.27 -1.61
C ARG A 338 -6.05 9.32 -0.13
N GLN A 339 -5.96 10.51 0.46
CA GLN A 339 -6.39 10.77 1.83
C GLN A 339 -5.60 9.97 2.87
N PHE A 340 -4.28 9.93 2.66
CA PHE A 340 -3.38 9.19 3.56
C PHE A 340 -3.12 9.91 4.87
N ILE A 341 -3.17 11.23 4.86
CA ILE A 341 -2.97 12.00 6.10
C ILE A 341 -4.18 11.76 7.00
N ASN A 342 -5.36 11.93 6.43
CA ASN A 342 -6.62 11.57 7.10
C ASN A 342 -6.55 10.18 7.75
N LEU A 343 -6.14 9.18 6.97
CA LEU A 343 -6.01 7.80 7.47
C LEU A 343 -5.04 7.72 8.65
N SER A 344 -3.91 8.40 8.51
CA SER A 344 -2.85 8.35 9.53
C SER A 344 -3.36 8.92 10.84
N LEU A 345 -4.11 10.02 10.75
CA LEU A 345 -4.64 10.64 11.96
C LEU A 345 -5.69 9.73 12.62
N ASP A 346 -6.61 9.22 11.81
CA ASP A 346 -7.65 8.28 12.27
C ASP A 346 -7.08 7.11 13.07
N MET A 347 -6.14 6.39 12.46
CA MET A 347 -5.51 5.23 13.06
C MET A 347 -4.62 5.59 14.26
N GLY A 348 -3.82 6.63 14.12
CA GLY A 348 -3.01 7.13 15.23
C GLY A 348 -3.83 7.51 16.45
N TYR A 349 -4.90 8.25 16.25
CA TYR A 349 -5.71 8.65 17.42
C TYR A 349 -6.54 7.51 18.01
N TYR A 350 -6.93 6.55 17.17
CA TYR A 350 -7.66 5.36 17.62
C TYR A 350 -6.77 4.53 18.53
N ALA A 351 -5.52 4.33 18.11
CA ALA A 351 -4.53 3.55 18.87
C ALA A 351 -3.97 4.29 20.07
N LYS A 352 -4.07 5.63 20.02
CA LYS A 352 -3.45 6.51 21.04
C LYS A 352 -1.93 6.32 20.99
N ILE A 353 -1.39 6.55 19.80
CA ILE A 353 0.04 6.47 19.58
C ILE A 353 0.54 7.80 19.01
N GLN A 354 1.85 7.99 19.03
CA GLN A 354 2.46 9.03 18.22
C GLN A 354 1.98 8.77 16.79
N ILE A 355 1.52 9.81 16.11
CA ILE A 355 0.99 9.61 14.75
C ILE A 355 1.97 8.85 13.82
N GLN A 356 3.27 9.11 13.92
CA GLN A 356 4.26 8.45 13.04
C GLN A 356 4.41 6.95 13.27
N SER A 357 3.83 6.46 14.36
CA SER A 357 3.85 5.03 14.64
C SER A 357 2.87 4.21 13.79
N VAL A 358 1.98 4.87 13.04
CA VAL A 358 1.06 4.15 12.15
C VAL A 358 1.82 3.30 11.12
N PHE A 359 3.06 3.69 10.85
CA PHE A 359 3.97 2.92 10.02
C PHE A 359 4.31 1.53 10.61
N SER A 360 4.04 1.35 11.89
CA SER A 360 4.34 0.09 12.58
C SER A 360 3.07 -0.58 13.12
N PRO A 361 2.57 -1.60 12.41
CA PRO A 361 1.42 -2.34 12.94
C PRO A 361 1.67 -2.96 14.32
N ILE A 362 2.93 -3.30 14.62
CA ILE A 362 3.26 -3.89 15.95
C ILE A 362 3.02 -2.88 17.08
N LYS A 363 3.53 -1.67 16.87
CA LYS A 363 3.36 -0.58 17.82
C LYS A 363 1.89 -0.14 17.94
N THR A 364 1.21 -0.16 16.81
CA THR A 364 -0.20 0.20 16.74
C THR A 364 -1.03 -0.76 17.59
N TRP A 365 -0.82 -2.06 17.39
CA TRP A 365 -1.59 -3.06 18.11
C TRP A 365 -1.20 -3.17 19.58
N ASP A 366 0.08 -2.97 19.88
CA ASP A 366 0.55 -2.99 21.25
C ASP A 366 -0.20 -1.94 22.05
N ALA A 367 -0.41 -0.77 21.45
CA ALA A 367 -1.09 0.33 22.12
C ALA A 367 -2.58 0.09 22.20
N ILE A 368 -3.19 -0.37 21.12
CA ILE A 368 -4.60 -0.73 21.15
C ILE A 368 -4.89 -1.75 22.25
N ILE A 369 -4.15 -2.86 22.25
CA ILE A 369 -4.36 -3.91 23.23
C ILE A 369 -4.06 -3.47 24.67
N PHE A 370 -3.03 -2.64 24.83
CA PHE A 370 -2.71 -2.08 26.15
C PHE A 370 -3.84 -1.22 26.73
N ASN A 371 -4.35 -0.28 25.94
CA ASN A 371 -5.48 0.56 26.37
C ASN A 371 -6.73 -0.23 26.67
N SER A 372 -6.94 -1.31 25.92
CA SER A 372 -8.12 -2.16 26.14
C SER A 372 -8.02 -2.90 27.47
N LEU A 373 -6.86 -3.50 27.73
CA LEU A 373 -6.63 -4.23 28.97
C LEU A 373 -6.65 -3.30 30.18
N LYS A 374 -6.02 -2.15 30.03
CA LYS A 374 -5.99 -1.12 31.09
C LYS A 374 -7.38 -0.75 31.58
N GLU A 375 -8.34 -0.70 30.67
CA GLU A 375 -9.75 -0.41 31.01
C GLU A 375 -10.34 -1.36 32.05
N GLN A 376 -9.79 -2.57 32.13
CA GLN A 376 -10.29 -3.60 33.03
C GLN A 376 -9.31 -3.88 34.18
N ASN A 377 -8.38 -2.94 34.38
CA ASN A 377 -7.30 -3.05 35.38
C ASN A 377 -6.40 -4.26 35.16
N LYS A 378 -6.34 -4.73 33.92
CA LYS A 378 -5.44 -5.83 33.60
C LYS A 378 -4.06 -5.27 33.28
N VAL A 379 -3.04 -6.12 33.41
CA VAL A 379 -1.66 -5.69 33.29
C VAL A 379 -0.99 -6.49 32.18
N ILE A 380 -0.40 -5.79 31.20
CA ILE A 380 0.23 -6.43 30.04
C ILE A 380 1.53 -7.15 30.41
N PRO A 381 1.87 -8.26 29.72
CA PRO A 381 3.13 -8.96 29.99
C PRO A 381 4.35 -8.14 29.53
N GLN A 382 5.51 -8.43 30.11
CA GLN A 382 6.75 -7.89 29.59
C GLN A 382 7.06 -8.52 28.25
N GLY A 383 7.71 -7.74 27.38
CA GLY A 383 8.24 -8.27 26.12
C GLY A 383 9.44 -9.19 26.35
N ARG A 384 9.49 -10.29 25.60
CA ARG A 384 10.57 -11.26 25.68
C ARG A 384 11.34 -11.38 24.36
N SER A 385 12.56 -11.90 24.44
CA SER A 385 13.36 -12.18 23.26
C SER A 385 12.98 -13.51 22.65
N HIS A 386 12.93 -13.59 21.32
CA HIS A 386 12.69 -14.88 20.66
C HIS A 386 13.58 -15.06 19.45
N PRO A 387 14.06 -16.30 19.22
CA PRO A 387 14.76 -16.56 17.98
C PRO A 387 13.75 -16.68 16.84
N VAL A 388 14.13 -16.20 15.66
CA VAL A 388 13.26 -16.27 14.49
C VAL A 388 13.11 -17.73 14.03
N GLN A 389 11.88 -18.21 13.97
CA GLN A 389 11.59 -19.57 13.50
C GLN A 389 10.59 -19.52 12.33
N PRO A 390 10.85 -20.32 11.26
CA PRO A 390 9.86 -20.44 10.18
C PRO A 390 8.59 -21.12 10.69
N TYR A 391 7.47 -20.85 10.04
CA TYR A 391 6.22 -21.54 10.35
C TYR A 391 5.35 -21.59 9.09
N PRO A 392 4.42 -22.58 9.00
CA PRO A 392 3.60 -22.79 7.79
C PRO A 392 2.48 -21.77 7.58
N GLY A 393 2.19 -21.49 6.31
CA GLY A 393 1.17 -20.52 5.92
C GLY A 393 -0.05 -21.12 5.24
N ALA A 394 -0.50 -20.48 4.17
CA ALA A 394 -1.70 -20.91 3.47
C ALA A 394 -1.50 -22.15 2.57
N PHE A 395 -2.62 -22.79 2.25
CA PHE A 395 -2.69 -23.81 1.21
C PHE A 395 -3.05 -23.16 -0.12
N VAL A 396 -2.32 -23.56 -1.16
CA VAL A 396 -2.60 -23.16 -2.53
C VAL A 396 -2.78 -24.45 -3.33
N LYS A 397 -3.90 -24.54 -4.04
CA LYS A 397 -4.22 -25.73 -4.83
C LYS A 397 -3.55 -25.66 -6.19
N GLU A 398 -2.89 -26.75 -6.60
CA GLU A 398 -2.29 -26.85 -7.94
C GLU A 398 -3.39 -26.97 -9.03
N PRO A 399 -3.51 -25.96 -9.90
CA PRO A 399 -4.52 -26.00 -10.98
C PRO A 399 -4.03 -26.79 -12.20
N ILE A 400 -4.96 -27.45 -12.89
CA ILE A 400 -4.65 -28.02 -14.20
C ILE A 400 -4.57 -26.87 -15.21
N PRO A 401 -3.38 -26.65 -15.79
CA PRO A 401 -3.27 -25.55 -16.75
C PRO A 401 -4.22 -25.82 -17.92
N ASN A 402 -5.06 -24.85 -18.24
CA ASN A 402 -6.15 -25.01 -19.21
C ASN A 402 -6.86 -23.69 -19.45
N ARG A 403 -7.71 -23.65 -20.47
CA ARG A 403 -8.74 -22.64 -20.56
C ARG A 403 -9.89 -23.06 -19.65
N TYR A 404 -10.61 -22.06 -19.14
CA TYR A 404 -11.80 -22.29 -18.33
C TYR A 404 -12.84 -21.27 -18.74
N LYS A 405 -13.95 -21.78 -19.29
CA LYS A 405 -14.96 -20.96 -19.96
C LYS A 405 -15.83 -20.16 -18.97
N TYR A 406 -16.58 -20.88 -18.12
CA TYR A 406 -17.43 -20.27 -17.13
C TYR A 406 -16.86 -20.49 -15.73
N VAL A 407 -16.59 -19.39 -15.02
CA VAL A 407 -16.07 -19.48 -13.67
C VAL A 407 -16.86 -18.62 -12.66
N MET A 408 -17.12 -19.19 -11.49
CA MET A 408 -17.66 -18.45 -10.34
C MET A 408 -16.68 -18.57 -9.20
N SER A 409 -16.32 -17.46 -8.59
CA SER A 409 -15.36 -17.50 -7.51
C SER A 409 -16.01 -17.07 -6.20
N PHE A 410 -15.52 -17.64 -5.10
CA PHE A 410 -15.96 -17.29 -3.76
C PHE A 410 -14.71 -17.17 -2.88
N ASP A 411 -14.74 -16.30 -1.88
CA ASP A 411 -13.67 -16.26 -0.88
C ASP A 411 -14.18 -15.73 0.46
N LEU A 412 -13.43 -16.02 1.51
CA LEU A 412 -13.86 -15.64 2.86
C LEU A 412 -13.75 -14.14 3.10
N THR A 413 -14.78 -13.58 3.73
CA THR A 413 -14.71 -12.20 4.21
C THR A 413 -13.69 -12.15 5.33
N SER A 414 -12.66 -11.34 5.13
CA SER A 414 -11.71 -11.02 6.20
C SER A 414 -11.25 -12.31 6.88
N ALA A 415 -10.63 -13.18 6.09
CA ALA A 415 -10.36 -14.57 6.46
C ALA A 415 -9.61 -14.76 7.78
N TYR A 416 -8.39 -14.23 7.88
CA TYR A 416 -7.61 -14.50 9.08
C TYR A 416 -8.23 -13.88 10.33
N PRO A 417 -8.74 -12.63 10.22
CA PRO A 417 -9.37 -12.04 11.42
C PRO A 417 -10.66 -12.74 11.80
N SER A 418 -11.38 -13.29 10.82
CA SER A 418 -12.57 -14.09 11.11
C SER A 418 -12.19 -15.40 11.77
N ILE A 419 -11.02 -15.94 11.40
CA ILE A 419 -10.52 -17.17 12.01
C ILE A 419 -10.18 -16.91 13.49
N ILE A 420 -9.52 -15.78 13.75
CA ILE A 420 -9.21 -15.37 15.12
C ILE A 420 -10.49 -15.24 15.97
N ARG A 421 -11.51 -14.60 15.40
CA ARG A 421 -12.76 -14.36 16.10
C ARG A 421 -13.54 -15.67 16.33
N GLN A 422 -13.65 -16.50 15.30
CA GLN A 422 -14.35 -17.79 15.42
C GLN A 422 -13.68 -18.73 16.43
N VAL A 423 -12.36 -18.84 16.37
CA VAL A 423 -11.66 -19.81 17.19
C VAL A 423 -11.44 -19.25 18.59
N ASN A 424 -11.47 -17.92 18.69
CA ASN A 424 -11.14 -17.17 19.91
C ASN A 424 -9.63 -17.27 20.22
N ILE A 425 -8.79 -16.93 19.24
CA ILE A 425 -7.34 -17.01 19.40
C ILE A 425 -6.78 -15.74 20.01
N SER A 426 -6.07 -15.89 21.12
CA SER A 426 -5.63 -14.75 21.92
C SER A 426 -4.61 -15.29 22.92
N PRO A 427 -3.64 -14.46 23.35
CA PRO A 427 -2.63 -14.94 24.31
C PRO A 427 -3.25 -15.52 25.60
N GLU A 428 -4.35 -14.94 26.05
CA GLU A 428 -4.85 -15.29 27.39
C GLU A 428 -6.00 -16.29 27.36
N THR A 429 -6.34 -16.77 26.15
CA THR A 429 -7.45 -17.72 25.99
C THR A 429 -7.00 -19.15 25.69
N ILE A 430 -5.69 -19.36 25.68
CA ILE A 430 -5.14 -20.70 25.52
C ILE A 430 -5.58 -21.60 26.67
N ALA A 431 -6.29 -22.67 26.34
CA ALA A 431 -6.80 -23.63 27.32
C ALA A 431 -6.00 -24.93 27.35
N GLY A 432 -5.23 -25.21 26.31
CA GLY A 432 -4.45 -26.46 26.28
C GLY A 432 -4.19 -26.97 24.88
N THR A 433 -3.85 -28.25 24.77
CA THR A 433 -3.68 -28.92 23.47
C THR A 433 -4.45 -30.23 23.38
N PHE A 434 -4.64 -30.72 22.17
CA PHE A 434 -5.17 -32.06 21.92
C PHE A 434 -4.25 -32.80 20.95
N LYS A 435 -4.43 -34.11 20.84
CA LYS A 435 -3.58 -34.94 19.99
C LYS A 435 -4.03 -34.82 18.53
N VAL A 436 -3.14 -34.32 17.67
CA VAL A 436 -3.52 -33.96 16.31
C VAL A 436 -3.42 -35.12 15.31
N ALA A 437 -4.46 -35.26 14.48
CA ALA A 437 -4.47 -36.19 13.36
C ALA A 437 -3.83 -35.47 12.18
N PRO A 438 -3.46 -36.20 11.11
CA PRO A 438 -3.07 -35.51 9.88
C PRO A 438 -4.20 -34.63 9.34
N LEU A 439 -3.84 -33.46 8.84
CA LEU A 439 -4.80 -32.45 8.39
C LEU A 439 -5.90 -33.03 7.52
N HIS A 440 -5.48 -33.88 6.59
CA HIS A 440 -6.35 -34.63 5.71
C HIS A 440 -7.54 -35.28 6.44
N ASP A 441 -7.30 -35.80 7.64
CA ASP A 441 -8.35 -36.45 8.42
C ASP A 441 -9.39 -35.46 8.92
N TYR A 442 -8.97 -34.22 9.18
CA TYR A 442 -9.93 -33.19 9.54
C TYR A 442 -10.69 -32.73 8.31
N ILE A 443 -9.95 -32.54 7.21
CA ILE A 443 -10.54 -32.11 5.95
C ILE A 443 -11.70 -33.03 5.56
N ASN A 444 -11.50 -34.33 5.66
CA ASN A 444 -12.53 -35.31 5.32
C ASN A 444 -13.46 -35.72 6.46
N ALA A 445 -13.30 -35.09 7.62
CA ALA A 445 -14.18 -35.31 8.77
C ALA A 445 -14.15 -36.74 9.31
N VAL A 446 -12.95 -37.36 9.33
CA VAL A 446 -12.80 -38.70 9.93
C VAL A 446 -11.98 -38.68 11.22
N ALA A 447 -11.17 -37.65 11.41
CA ALA A 447 -10.48 -37.50 12.68
C ALA A 447 -11.47 -37.41 13.84
N GLU A 448 -11.05 -37.91 15.00
CA GLU A 448 -11.76 -37.75 16.26
C GLU A 448 -12.03 -36.28 16.54
N ARG A 449 -13.20 -35.98 17.09
CA ARG A 449 -13.55 -34.60 17.46
C ARG A 449 -12.56 -34.10 18.50
N PRO A 450 -11.83 -33.02 18.19
CA PRO A 450 -10.72 -32.57 19.04
C PRO A 450 -11.10 -32.30 20.47
N SER A 451 -12.25 -31.66 20.69
CA SER A 451 -12.68 -31.30 22.05
C SER A 451 -14.20 -31.17 22.21
N ASP A 452 -14.65 -31.53 23.41
CA ASP A 452 -16.04 -31.32 23.80
C ASP A 452 -16.15 -30.19 24.82
N VAL A 453 -15.08 -29.42 25.00
CA VAL A 453 -15.09 -28.31 25.97
C VAL A 453 -14.58 -26.99 25.35
N TYR A 454 -13.52 -27.09 24.56
CA TYR A 454 -12.88 -25.91 24.02
C TYR A 454 -12.98 -25.80 22.50
N SER A 455 -12.76 -24.59 22.02
CA SER A 455 -12.79 -24.23 20.62
C SER A 455 -11.41 -24.51 20.05
N CYS A 456 -11.34 -25.23 18.94
CA CYS A 456 -10.08 -25.79 18.48
C CYS A 456 -9.65 -25.39 17.09
N SER A 457 -8.33 -25.46 16.86
CA SER A 457 -7.73 -25.36 15.55
C SER A 457 -7.00 -26.66 15.25
N PRO A 458 -7.04 -27.13 13.99
CA PRO A 458 -6.40 -28.40 13.61
C PRO A 458 -4.88 -28.47 13.77
N ASN A 459 -4.26 -27.40 14.29
CA ASN A 459 -2.85 -27.44 14.63
C ASN A 459 -2.61 -28.05 16.01
N GLY A 460 -3.69 -28.30 16.74
CA GLY A 460 -3.59 -28.88 18.08
C GLY A 460 -3.94 -27.99 19.26
N MET A 461 -4.27 -26.72 18.99
CA MET A 461 -4.56 -25.75 20.05
C MET A 461 -6.02 -25.71 20.45
N MET A 462 -6.25 -25.46 21.75
CA MET A 462 -7.57 -25.32 22.34
C MET A 462 -7.74 -23.97 23.02
N TYR A 463 -8.92 -23.37 22.91
CA TYR A 463 -9.17 -22.04 23.45
C TYR A 463 -10.44 -21.97 24.28
N TYR A 464 -10.44 -21.08 25.28
CA TYR A 464 -11.61 -20.90 26.14
C TYR A 464 -12.82 -20.46 25.31
N LYS A 465 -14.00 -20.93 25.72
CA LYS A 465 -15.24 -20.55 25.05
C LYS A 465 -16.10 -19.58 25.88
N ASP A 466 -15.72 -19.36 27.13
CA ASP A 466 -16.59 -18.64 28.07
C ASP A 466 -16.55 -17.12 27.89
N ARG A 467 -15.47 -16.63 27.29
CA ARG A 467 -15.24 -15.19 27.14
C ARG A 467 -14.36 -14.91 25.93
N ASP A 468 -14.56 -13.74 25.33
CA ASP A 468 -13.74 -13.28 24.21
C ASP A 468 -12.37 -12.80 24.70
N GLY A 469 -11.34 -13.17 23.96
CA GLY A 469 -10.00 -12.67 24.23
C GLY A 469 -9.88 -11.23 23.78
N VAL A 470 -8.89 -10.53 24.33
CA VAL A 470 -8.65 -9.16 23.94
C VAL A 470 -8.32 -9.03 22.44
N VAL A 471 -7.65 -10.03 21.88
CA VAL A 471 -7.34 -9.99 20.44
C VAL A 471 -8.61 -10.13 19.55
N PRO A 472 -9.41 -11.18 19.75
CA PRO A 472 -10.73 -11.15 19.10
C PRO A 472 -11.54 -9.87 19.36
N THR A 473 -11.53 -9.36 20.58
CA THR A 473 -12.39 -8.22 20.91
C THR A 473 -11.97 -6.98 20.12
N GLU A 474 -10.67 -6.72 20.07
CA GLU A 474 -10.14 -5.52 19.47
C GLU A 474 -10.08 -5.61 17.95
N ILE A 475 -9.80 -6.80 17.44
CA ILE A 475 -9.76 -7.01 16.00
C ILE A 475 -11.15 -6.79 15.40
N THR A 476 -12.20 -7.17 16.13
CA THR A 476 -13.59 -7.02 15.70
C THR A 476 -13.92 -5.54 15.51
N LYS A 477 -13.41 -4.70 16.42
CA LYS A 477 -13.66 -3.27 16.34
C LYS A 477 -13.17 -2.66 15.04
N VAL A 478 -11.91 -2.91 14.69
CA VAL A 478 -11.35 -2.43 13.41
C VAL A 478 -12.01 -3.11 12.21
N PHE A 479 -12.36 -4.38 12.35
CA PHE A 479 -13.09 -5.08 11.28
C PHE A 479 -14.38 -4.36 10.93
N ASN A 480 -15.16 -3.97 11.94
CA ASN A 480 -16.40 -3.24 11.73
C ASN A 480 -16.20 -1.88 11.06
N GLN A 481 -15.22 -1.11 11.51
CA GLN A 481 -14.82 0.09 10.79
C GLN A 481 -14.52 -0.25 9.32
N ARG A 482 -13.73 -1.30 9.08
CA ARG A 482 -13.38 -1.68 7.70
C ARG A 482 -14.64 -1.93 6.86
N LYS A 483 -15.56 -2.71 7.41
CA LYS A 483 -16.79 -3.09 6.71
C LYS A 483 -17.63 -1.88 6.29
N GLU A 484 -17.75 -0.89 7.19
CA GLU A 484 -18.46 0.35 6.91
C GLU A 484 -17.89 1.08 5.70
N HIS A 485 -16.56 1.23 5.68
CA HIS A 485 -15.89 1.92 4.59
C HIS A 485 -15.95 1.15 3.28
N LYS A 486 -15.81 -0.16 3.35
CA LYS A 486 -15.90 -0.98 2.14
C LYS A 486 -17.30 -0.84 1.55
N GLY A 487 -18.30 -0.75 2.42
CA GLY A 487 -19.68 -0.46 1.99
C GLY A 487 -19.74 0.82 1.18
N TYR A 488 -19.11 1.89 1.66
CA TYR A 488 -19.11 3.14 0.91
C TYR A 488 -18.37 3.00 -0.41
N MET A 489 -17.27 2.25 -0.38
CA MET A 489 -16.44 2.06 -1.56
C MET A 489 -17.21 1.37 -2.67
N LEU A 490 -17.94 0.31 -2.31
CA LEU A 490 -18.68 -0.51 -3.28
C LEU A 490 -19.90 0.19 -3.86
N ALA A 491 -20.56 1.02 -3.04
CA ALA A 491 -21.66 1.86 -3.52
C ALA A 491 -21.16 2.89 -4.54
N ALA A 492 -20.05 3.54 -4.24
CA ALA A 492 -19.46 4.52 -5.14
C ALA A 492 -19.06 3.86 -6.47
N GLN A 493 -18.65 2.61 -6.38
CA GLN A 493 -18.23 1.83 -7.53
C GLN A 493 -19.44 1.45 -8.39
N ARG A 494 -20.54 1.05 -7.74
CA ARG A 494 -21.77 0.70 -8.45
C ARG A 494 -22.40 1.94 -9.05
N ASN A 495 -22.28 3.08 -8.35
CA ASN A 495 -22.78 4.36 -8.84
C ASN A 495 -22.03 4.83 -10.08
N GLY A 496 -20.73 4.55 -10.12
CA GLY A 496 -19.88 4.78 -11.28
C GLY A 496 -20.38 4.03 -12.51
N GLU A 497 -20.79 2.77 -12.33
CA GLU A 497 -21.30 1.99 -13.47
C GLU A 497 -22.65 2.52 -13.98
N ILE A 498 -23.45 3.11 -13.10
CA ILE A 498 -24.69 3.75 -13.53
C ILE A 498 -24.38 4.94 -14.48
N ILE A 499 -23.40 5.74 -14.07
CA ILE A 499 -22.95 6.89 -14.87
C ILE A 499 -22.34 6.47 -16.22
N LYS A 500 -21.48 5.45 -16.21
CA LYS A 500 -20.91 4.90 -17.45
C LYS A 500 -21.99 4.41 -18.43
N GLU A 501 -23.03 3.76 -17.91
CA GLU A 501 -24.15 3.33 -18.75
C GLU A 501 -24.83 4.51 -19.40
N ALA A 502 -25.12 5.54 -18.59
CA ALA A 502 -25.84 6.70 -19.05
C ALA A 502 -25.04 7.51 -20.06
N LEU A 503 -23.71 7.46 -19.93
CA LEU A 503 -22.81 8.06 -20.90
C LEU A 503 -22.95 7.50 -22.33
N HIS A 504 -23.54 6.32 -22.48
CA HIS A 504 -23.78 5.75 -23.82
C HIS A 504 -24.79 6.60 -24.60
N ASN A 505 -25.69 7.24 -23.84
CA ASN A 505 -26.77 8.06 -24.40
C ASN A 505 -26.87 9.46 -23.78
N PRO A 506 -25.82 10.31 -23.97
CA PRO A 506 -25.80 11.62 -23.32
C PRO A 506 -26.74 12.64 -23.95
N ASN A 507 -27.23 13.59 -23.16
CA ASN A 507 -28.19 14.58 -23.65
C ASN A 507 -27.56 15.87 -24.16
N LEU A 508 -28.13 16.39 -25.25
CA LEU A 508 -27.64 17.63 -25.84
C LEU A 508 -28.26 18.82 -25.12
N SER A 509 -27.57 19.29 -24.08
CA SER A 509 -28.08 20.33 -23.20
C SER A 509 -26.98 20.95 -22.34
N VAL A 510 -27.31 22.09 -21.73
CA VAL A 510 -26.43 22.74 -20.76
C VAL A 510 -27.08 22.59 -19.38
N ASP A 511 -26.29 22.03 -18.45
CA ASP A 511 -26.76 21.67 -17.11
C ASP A 511 -25.54 21.46 -16.21
N GLU A 512 -25.80 21.13 -14.96
CA GLU A 512 -24.72 20.90 -14.01
C GLU A 512 -24.80 19.51 -13.39
N PRO A 513 -23.68 19.00 -12.84
CA PRO A 513 -23.71 17.71 -12.15
C PRO A 513 -24.62 17.75 -10.92
N LEU A 514 -25.31 16.64 -10.67
CA LEU A 514 -26.16 16.48 -9.49
C LEU A 514 -25.34 16.50 -8.20
N ASP A 515 -25.85 17.19 -7.18
CA ASP A 515 -25.18 17.19 -5.88
C ASP A 515 -25.66 15.99 -5.06
N VAL A 516 -24.82 14.97 -4.96
CA VAL A 516 -25.21 13.72 -4.35
C VAL A 516 -24.11 13.13 -3.46
N ASP A 517 -24.50 12.17 -2.63
CA ASP A 517 -23.52 11.42 -1.85
C ASP A 517 -23.22 10.07 -2.51
N TYR A 518 -22.05 9.98 -3.15
CA TYR A 518 -21.68 8.79 -3.91
C TYR A 518 -21.42 7.55 -3.05
N ARG A 519 -21.33 7.74 -1.73
CA ARG A 519 -21.14 6.65 -0.78
C ARG A 519 -22.41 5.79 -0.61
N PHE A 520 -23.53 6.26 -1.17
CA PHE A 520 -24.81 5.55 -1.06
C PHE A 520 -25.40 5.32 -2.42
N ASP A 521 -25.94 4.12 -2.61
CA ASP A 521 -26.57 3.73 -3.86
C ASP A 521 -27.60 4.78 -4.30
N PHE A 522 -27.48 5.18 -5.56
CA PHE A 522 -28.38 6.16 -6.14
C PHE A 522 -29.82 5.67 -6.05
N SER A 523 -30.69 6.58 -5.62
CA SER A 523 -32.13 6.36 -5.61
C SER A 523 -32.66 6.40 -7.04
N ASP A 524 -33.91 5.96 -7.20
CA ASP A 524 -34.60 6.01 -8.49
C ASP A 524 -34.69 7.43 -9.06
N GLU A 525 -34.95 8.40 -8.19
CA GLU A 525 -35.04 9.80 -8.60
C GLU A 525 -33.72 10.28 -9.19
N ILE A 526 -32.61 9.93 -8.53
CA ILE A 526 -31.29 10.30 -9.01
C ILE A 526 -31.01 9.63 -10.35
N LYS A 527 -31.32 8.34 -10.44
CA LYS A 527 -31.18 7.60 -11.69
C LYS A 527 -31.93 8.24 -12.88
N GLU A 528 -33.15 8.71 -12.64
CA GLU A 528 -33.92 9.37 -13.69
C GLU A 528 -33.22 10.65 -14.18
N LYS A 529 -32.80 11.48 -13.24
CA LYS A 529 -32.10 12.73 -13.58
C LYS A 529 -30.82 12.49 -14.38
N ILE A 530 -30.08 11.45 -14.00
CA ILE A 530 -28.85 11.07 -14.68
C ILE A 530 -29.09 10.74 -16.16
N LYS A 531 -30.19 10.01 -16.41
CA LYS A 531 -30.59 9.64 -17.77
C LYS A 531 -30.89 10.85 -18.67
N LYS A 532 -31.00 12.04 -18.06
CA LYS A 532 -31.32 13.25 -18.79
C LYS A 532 -30.16 14.25 -18.85
N LEU A 533 -28.98 13.87 -18.35
CA LEU A 533 -27.85 14.81 -18.23
C LEU A 533 -26.89 14.83 -19.42
N SER A 534 -26.19 15.96 -19.58
CA SER A 534 -25.17 16.12 -20.62
C SER A 534 -23.93 15.29 -20.32
N ALA A 535 -23.14 15.01 -21.36
CA ALA A 535 -21.86 14.31 -21.21
C ALA A 535 -20.90 15.04 -20.26
N LYS A 536 -20.86 16.36 -20.35
CA LYS A 536 -20.02 17.17 -19.46
C LYS A 536 -20.37 16.95 -17.97
N SER A 537 -21.66 17.03 -17.63
CA SER A 537 -22.09 16.83 -16.26
C SER A 537 -21.87 15.38 -15.78
N LEU A 538 -22.20 14.43 -16.64
CA LEU A 538 -22.00 13.00 -16.33
C LEU A 538 -20.53 12.66 -16.09
N ASN A 539 -19.65 13.23 -16.91
CA ASN A 539 -18.22 13.00 -16.76
C ASN A 539 -17.66 13.56 -15.46
N GLU A 540 -18.19 14.70 -15.04
CA GLU A 540 -17.79 15.28 -13.77
C GLU A 540 -18.30 14.41 -12.63
N MET A 541 -19.55 13.96 -12.74
CA MET A 541 -20.13 13.01 -11.79
C MET A 541 -19.31 11.74 -11.68
N LEU A 542 -18.84 11.25 -12.82
CA LEU A 542 -18.06 10.02 -12.85
C LEU A 542 -16.74 10.25 -12.12
N PHE A 543 -16.11 11.39 -12.38
CA PHE A 543 -14.85 11.72 -11.72
C PHE A 543 -15.06 11.76 -10.21
N ARG A 544 -16.14 12.39 -9.79
CA ARG A 544 -16.48 12.49 -8.38
C ARG A 544 -16.81 11.12 -7.79
N ALA A 545 -17.53 10.31 -8.57
CA ALA A 545 -17.87 8.97 -8.10
C ALA A 545 -16.57 8.23 -7.85
N GLN A 546 -15.62 8.38 -8.79
CA GLN A 546 -14.35 7.69 -8.71
C GLN A 546 -13.42 8.19 -7.58
N ARG A 547 -13.46 9.49 -7.30
CA ARG A 547 -12.77 10.02 -6.13
C ARG A 547 -13.39 9.49 -4.83
N THR A 548 -14.71 9.40 -4.79
CA THR A 548 -15.40 8.79 -3.64
C THR A 548 -14.96 7.33 -3.43
N GLU A 549 -14.91 6.57 -4.52
CA GLU A 549 -14.46 5.16 -4.46
C GLU A 549 -13.01 5.04 -3.98
N VAL A 550 -12.14 5.89 -4.50
CA VAL A 550 -10.76 5.97 -4.04
C VAL A 550 -10.68 6.27 -2.54
N ALA A 551 -11.51 7.21 -2.07
CA ALA A 551 -11.52 7.57 -0.65
C ALA A 551 -11.94 6.38 0.21
N GLY A 552 -13.01 5.69 -0.18
CA GLY A 552 -13.41 4.45 0.48
C GLY A 552 -12.38 3.32 0.43
N MET A 553 -11.68 3.19 -0.70
CA MET A 553 -10.67 2.15 -0.86
C MET A 553 -9.53 2.36 0.13
N THR A 554 -9.05 3.59 0.24
CA THR A 554 -8.00 3.89 1.20
C THR A 554 -8.43 3.52 2.62
N ALA A 555 -9.64 3.91 2.99
CA ALA A 555 -10.10 3.69 4.36
C ALA A 555 -10.33 2.21 4.65
N GLN A 556 -10.85 1.47 3.68
CA GLN A 556 -11.18 0.05 3.90
C GLN A 556 -9.96 -0.84 3.84
N ILE A 557 -9.16 -0.69 2.77
CA ILE A 557 -8.07 -1.63 2.53
C ILE A 557 -6.97 -1.53 3.59
N ASN A 558 -6.79 -0.34 4.15
CA ASN A 558 -5.72 -0.20 5.13
C ASN A 558 -6.17 -0.61 6.53
N ARG A 559 -7.48 -0.53 6.77
CA ARG A 559 -8.03 -1.17 7.98
C ARG A 559 -7.92 -2.69 7.89
N LYS A 560 -8.17 -3.21 6.68
CA LYS A 560 -7.93 -4.62 6.34
C LYS A 560 -6.45 -4.95 6.53
N ALA A 561 -5.56 -4.07 6.10
CA ALA A 561 -4.14 -4.32 6.28
C ALA A 561 -3.77 -4.36 7.75
N LEU A 562 -4.41 -3.51 8.54
CA LEU A 562 -4.17 -3.44 9.97
C LEU A 562 -4.57 -4.73 10.69
N ILE A 563 -5.80 -5.17 10.50
CA ILE A 563 -6.27 -6.39 11.16
C ILE A 563 -5.55 -7.66 10.65
N ASN A 564 -5.20 -7.66 9.36
CA ASN A 564 -4.40 -8.76 8.84
C ASN A 564 -2.99 -8.68 9.41
N GLY A 565 -2.56 -7.45 9.71
CA GLY A 565 -1.26 -7.21 10.31
C GLY A 565 -1.13 -7.83 11.70
N LEU A 566 -2.26 -7.93 12.41
CA LEU A 566 -2.27 -8.54 13.74
C LEU A 566 -2.06 -10.06 13.71
N ALA A 567 -2.72 -10.75 12.79
CA ALA A 567 -2.47 -12.17 12.55
C ALA A 567 -1.00 -12.40 12.23
N GLY A 568 -0.44 -11.52 11.39
CA GLY A 568 0.99 -11.60 11.08
C GLY A 568 1.88 -11.26 12.27
N ALA A 569 1.45 -10.27 13.07
CA ALA A 569 2.25 -9.79 14.19
C ALA A 569 2.52 -10.91 15.20
N LEU A 570 1.55 -11.81 15.34
CA LEU A 570 1.63 -12.98 16.21
C LEU A 570 2.79 -13.90 15.84
N GLY A 571 3.32 -13.69 14.64
CA GLY A 571 4.48 -14.46 14.17
C GLY A 571 5.72 -13.59 13.94
N ASN A 572 5.73 -12.40 14.53
CA ASN A 572 6.94 -11.57 14.59
C ASN A 572 7.52 -11.49 16.02
N VAL A 573 8.81 -11.79 16.15
CA VAL A 573 9.49 -11.93 17.44
C VAL A 573 9.46 -10.66 18.32
N TRP A 574 9.35 -9.49 17.70
CA TRP A 574 9.32 -8.21 18.42
C TRP A 574 7.93 -7.84 18.99
N PHE A 575 6.92 -8.64 18.68
CA PHE A 575 5.57 -8.39 19.17
C PHE A 575 5.40 -8.92 20.58
N ARG A 576 4.90 -8.07 21.47
CA ARG A 576 4.68 -8.43 22.87
C ARG A 576 3.91 -9.77 22.97
N TYR A 577 3.04 -10.03 22.00
CA TYR A 577 2.17 -11.21 22.07
C TYR A 577 2.53 -12.27 21.04
N TYR A 578 3.76 -12.20 20.55
CA TYR A 578 4.33 -13.23 19.67
C TYR A 578 4.09 -14.61 20.27
N ASP A 579 3.51 -15.49 19.49
CA ASP A 579 3.33 -16.87 19.91
C ASP A 579 3.05 -17.66 18.65
N LEU A 580 3.95 -18.58 18.34
CA LEU A 580 3.83 -19.38 17.14
C LEU A 580 2.70 -20.39 17.24
N ARG A 581 2.27 -20.73 18.45
CA ARG A 581 1.08 -21.59 18.62
C ARG A 581 -0.18 -20.87 18.10
N ASN A 582 -0.26 -19.55 18.31
CA ASN A 582 -1.42 -18.78 17.86
C ASN A 582 -1.36 -18.47 16.35
N ALA A 583 -0.20 -18.02 15.87
CA ALA A 583 0.01 -17.74 14.44
C ALA A 583 -0.32 -18.98 13.62
N THR A 584 0.22 -20.12 14.06
CA THR A 584 0.02 -21.39 13.38
C THR A 584 -1.42 -21.92 13.55
N ALA A 585 -2.07 -21.59 14.65
CA ALA A 585 -3.49 -21.92 14.82
C ALA A 585 -4.32 -21.27 13.70
N ILE A 586 -3.96 -20.03 13.35
CA ILE A 586 -4.67 -19.28 12.30
C ILE A 586 -4.43 -19.90 10.94
N THR A 587 -3.17 -20.06 10.56
CA THR A 587 -2.82 -20.55 9.21
C THR A 587 -3.27 -22.00 8.98
N THR A 588 -3.16 -22.85 10.00
CA THR A 588 -3.53 -24.26 9.87
C THR A 588 -5.07 -24.41 9.73
N PHE A 589 -5.83 -23.66 10.53
CA PHE A 589 -7.30 -23.60 10.43
C PHE A 589 -7.71 -23.12 9.04
N GLY A 590 -6.96 -22.15 8.51
CA GLY A 590 -7.15 -21.64 7.14
C GLY A 590 -7.01 -22.72 6.08
N GLN A 591 -5.93 -23.51 6.17
CA GLN A 591 -5.67 -24.60 5.26
C GLN A 591 -6.81 -25.61 5.30
N MET A 592 -7.31 -25.89 6.50
CA MET A 592 -8.43 -26.81 6.67
C MET A 592 -9.68 -26.29 5.99
N ALA A 593 -9.99 -25.00 6.23
CA ALA A 593 -11.28 -24.41 5.84
C ALA A 593 -11.42 -24.42 4.33
N LEU A 594 -10.34 -24.06 3.65
CA LEU A 594 -10.28 -24.08 2.21
C LEU A 594 -10.53 -25.50 1.65
N GLN A 595 -9.77 -26.48 2.13
CA GLN A 595 -9.89 -27.84 1.61
C GLN A 595 -11.20 -28.51 2.05
N TRP A 596 -11.67 -28.21 3.26
CA TRP A 596 -12.97 -28.66 3.73
C TRP A 596 -14.09 -28.21 2.77
N ILE A 597 -14.03 -26.95 2.35
CA ILE A 597 -15.12 -26.36 1.60
C ILE A 597 -15.06 -26.72 0.11
N GLU A 598 -13.85 -27.04 -0.37
CA GLU A 598 -13.69 -27.59 -1.70
C GLU A 598 -14.46 -28.89 -1.75
N ARG A 599 -14.22 -29.74 -0.74
CA ARG A 599 -14.89 -31.04 -0.63
C ARG A 599 -16.40 -30.84 -0.63
N LYS A 600 -16.86 -29.92 0.21
CA LYS A 600 -18.31 -29.67 0.36
C LYS A 600 -18.94 -29.16 -0.94
N VAL A 601 -18.25 -28.25 -1.61
CA VAL A 601 -18.75 -27.67 -2.86
C VAL A 601 -18.79 -28.69 -4.00
N ASN A 602 -17.78 -29.55 -4.07
CA ASN A 602 -17.78 -30.66 -5.03
C ASN A 602 -18.88 -31.68 -4.76
N GLU A 603 -19.11 -31.97 -3.48
CA GLU A 603 -20.16 -32.92 -3.12
C GLU A 603 -21.52 -32.33 -3.50
N TYR A 604 -21.71 -31.05 -3.21
CA TYR A 604 -22.96 -30.37 -3.52
C TYR A 604 -23.25 -30.34 -5.01
N LEU A 605 -22.26 -29.95 -5.80
CA LEU A 605 -22.46 -29.76 -7.23
C LEU A 605 -22.64 -31.08 -7.97
N ASN A 606 -21.83 -32.08 -7.63
CA ASN A 606 -22.04 -33.44 -8.14
C ASN A 606 -23.46 -33.94 -7.90
N GLU A 607 -24.02 -33.54 -6.76
CA GLU A 607 -25.39 -33.88 -6.39
C GLU A 607 -26.41 -33.24 -7.33
N VAL A 608 -26.30 -31.93 -7.56
CA VAL A 608 -27.24 -31.23 -8.44
C VAL A 608 -27.11 -31.62 -9.93
N CYS A 609 -25.92 -32.08 -10.31
CA CYS A 609 -25.63 -32.51 -11.68
C CYS A 609 -25.76 -34.02 -11.87
N GLY A 610 -26.03 -34.73 -10.79
CA GLY A 610 -26.17 -36.17 -10.82
C GLY A 610 -24.92 -36.95 -11.18
N THR A 611 -23.74 -36.36 -10.92
CA THR A 611 -22.47 -37.06 -11.19
C THR A 611 -21.81 -37.54 -9.88
N GLU A 612 -20.69 -38.25 -10.02
CA GLU A 612 -19.80 -38.55 -8.89
C GLU A 612 -18.33 -38.44 -9.31
N GLY A 613 -17.50 -37.96 -8.39
CA GLY A 613 -16.04 -37.86 -8.61
C GLY A 613 -15.55 -36.67 -9.44
N GLU A 614 -16.49 -35.87 -9.95
CA GLU A 614 -16.15 -34.69 -10.76
C GLU A 614 -15.66 -33.48 -9.93
N ALA A 615 -14.54 -32.91 -10.38
CA ALA A 615 -13.95 -31.74 -9.73
C ALA A 615 -14.56 -30.44 -10.27
N PHE A 616 -15.37 -29.79 -9.46
CA PHE A 616 -15.98 -28.51 -9.83
C PHE A 616 -15.11 -27.36 -9.41
N VAL A 617 -14.42 -27.52 -8.27
CA VAL A 617 -13.44 -26.55 -7.83
C VAL A 617 -12.14 -26.83 -8.56
N LEU A 618 -11.68 -25.85 -9.33
CA LEU A 618 -10.51 -26.02 -10.19
C LEU A 618 -9.28 -25.43 -9.55
N TYR A 619 -9.50 -24.50 -8.63
CA TYR A 619 -8.39 -23.76 -8.05
C TYR A 619 -8.83 -23.18 -6.74
N GLY A 620 -7.84 -22.76 -5.96
CA GLY A 620 -8.07 -22.13 -4.69
C GLY A 620 -6.73 -21.68 -4.15
N ASP A 621 -6.77 -20.61 -3.36
CA ASP A 621 -5.57 -20.03 -2.80
C ASP A 621 -5.94 -19.33 -1.48
N THR A 622 -5.43 -19.88 -0.38
CA THR A 622 -5.60 -19.30 0.98
C THR A 622 -7.05 -19.47 1.54
N ASP A 623 -8.00 -18.75 0.94
CA ASP A 623 -9.39 -18.69 1.43
C ASP A 623 -10.40 -18.59 0.30
N SER A 624 -9.97 -18.93 -0.92
CA SER A 624 -10.80 -18.75 -2.12
C SER A 624 -10.96 -20.06 -2.87
N ILE A 625 -12.09 -20.20 -3.55
CA ILE A 625 -12.34 -21.31 -4.46
C ILE A 625 -12.81 -20.76 -5.80
N TYR A 626 -12.41 -21.43 -6.88
CA TYR A 626 -12.86 -21.10 -8.23
C TYR A 626 -13.62 -22.29 -8.77
N VAL A 627 -14.92 -22.10 -9.00
CA VAL A 627 -15.80 -23.19 -9.40
C VAL A 627 -16.09 -23.11 -10.89
N SER A 628 -15.95 -24.25 -11.56
CA SER A 628 -16.27 -24.33 -12.96
C SER A 628 -17.79 -24.40 -13.10
N ALA A 629 -18.35 -23.53 -13.92
CA ALA A 629 -19.80 -23.40 -14.08
C ALA A 629 -20.32 -23.79 -15.47
N ASP A 630 -19.46 -24.41 -16.29
CA ASP A 630 -19.83 -24.83 -17.63
C ASP A 630 -21.07 -25.69 -17.59
N LYS A 631 -21.09 -26.63 -16.64
CA LYS A 631 -22.15 -27.62 -16.56
C LYS A 631 -23.49 -27.02 -16.13
N ILE A 632 -23.43 -25.95 -15.34
CA ILE A 632 -24.64 -25.26 -14.87
C ILE A 632 -25.25 -24.56 -16.06
N ILE A 633 -24.40 -23.86 -16.80
CA ILE A 633 -24.79 -23.18 -18.04
C ILE A 633 -25.32 -24.18 -19.07
N ASP A 634 -24.65 -25.31 -19.22
CA ASP A 634 -25.05 -26.31 -20.23
C ASP A 634 -26.37 -26.99 -19.90
N LYS A 635 -26.71 -27.05 -18.61
CA LYS A 635 -27.93 -27.71 -18.19
C LYS A 635 -29.17 -26.93 -18.62
N VAL A 636 -29.06 -25.60 -18.70
CA VAL A 636 -30.15 -24.82 -19.30
C VAL A 636 -29.89 -24.70 -20.82
N GLY A 637 -28.63 -24.64 -21.20
CA GLY A 637 -28.25 -24.58 -22.61
C GLY A 637 -28.09 -23.15 -23.08
N GLU A 638 -26.98 -22.87 -23.76
CA GLU A 638 -26.64 -21.50 -24.19
C GLU A 638 -27.72 -20.84 -25.04
N SER A 639 -28.42 -21.66 -25.82
CA SER A 639 -29.49 -21.21 -26.70
C SER A 639 -30.62 -20.46 -26.00
N LYS A 640 -30.82 -20.76 -24.72
CA LYS A 640 -31.93 -20.18 -23.95
C LYS A 640 -31.67 -18.74 -23.52
N PHE A 641 -30.40 -18.33 -23.51
CA PHE A 641 -30.06 -16.98 -23.04
C PHE A 641 -30.23 -15.90 -24.09
N ARG A 642 -30.85 -14.80 -23.68
CA ARG A 642 -31.08 -13.68 -24.58
C ARG A 642 -29.77 -12.94 -24.90
N ASP A 643 -28.98 -12.65 -23.86
CA ASP A 643 -27.69 -11.98 -24.01
C ASP A 643 -26.72 -12.38 -22.89
N THR A 644 -25.52 -11.80 -22.88
CA THR A 644 -24.54 -12.06 -21.85
C THR A 644 -25.11 -11.80 -20.46
N ASN A 645 -25.73 -10.63 -20.27
CA ASN A 645 -26.25 -10.24 -18.97
C ASN A 645 -27.30 -11.24 -18.42
N HIS A 646 -27.95 -11.97 -19.32
CA HIS A 646 -28.95 -12.96 -18.93
C HIS A 646 -28.31 -14.15 -18.21
N TRP A 647 -27.27 -14.76 -18.78
CA TRP A 647 -26.55 -15.83 -18.06
C TRP A 647 -25.81 -15.33 -16.80
N VAL A 648 -25.33 -14.08 -16.83
CA VAL A 648 -24.69 -13.49 -15.64
C VAL A 648 -25.67 -13.40 -14.46
N ASP A 649 -26.92 -12.99 -14.73
CA ASP A 649 -28.00 -12.99 -13.74
C ASP A 649 -28.25 -14.39 -13.25
N PHE A 650 -28.31 -15.33 -14.17
CA PHE A 650 -28.61 -16.72 -13.84
C PHE A 650 -27.56 -17.25 -12.86
N LEU A 651 -26.29 -17.04 -13.19
CA LEU A 651 -25.19 -17.46 -12.31
C LEU A 651 -25.19 -16.74 -10.97
N ASP A 652 -25.41 -15.42 -11.01
CA ASP A 652 -25.51 -14.59 -9.82
C ASP A 652 -26.61 -15.14 -8.89
N LYS A 653 -27.78 -15.40 -9.45
CA LYS A 653 -28.90 -15.96 -8.70
C LYS A 653 -28.58 -17.40 -8.24
N PHE A 654 -27.91 -18.18 -9.10
CA PHE A 654 -27.50 -19.52 -8.70
C PHE A 654 -26.48 -19.50 -7.54
N ALA A 655 -25.54 -18.57 -7.61
CA ALA A 655 -24.50 -18.48 -6.60
C ALA A 655 -25.10 -18.07 -5.27
N ARG A 656 -26.01 -17.10 -5.33
CA ARG A 656 -26.61 -16.51 -4.13
C ARG A 656 -27.66 -17.42 -3.51
N GLU A 657 -28.45 -18.12 -4.34
CA GLU A 657 -29.61 -18.85 -3.82
C GLU A 657 -29.35 -20.33 -3.59
N ARG A 658 -28.36 -20.89 -4.27
CA ARG A 658 -28.07 -22.30 -4.17
C ARG A 658 -26.74 -22.57 -3.48
N MET A 659 -25.69 -21.93 -3.96
CA MET A 659 -24.35 -22.25 -3.51
C MET A 659 -23.97 -21.68 -2.16
N GLU A 660 -24.32 -20.42 -1.92
CA GLU A 660 -24.02 -19.78 -0.64
C GLU A 660 -24.72 -20.45 0.55
N PRO A 661 -26.00 -20.85 0.40
CA PRO A 661 -26.62 -21.67 1.45
C PRO A 661 -25.88 -22.98 1.72
N ALA A 662 -25.41 -23.61 0.65
CA ALA A 662 -24.70 -24.89 0.76
C ALA A 662 -23.33 -24.67 1.36
N ILE A 663 -22.71 -23.55 1.00
CA ILE A 663 -21.42 -23.18 1.56
C ILE A 663 -21.57 -22.95 3.08
N ASP A 664 -22.66 -22.29 3.46
CA ASP A 664 -22.91 -21.94 4.85
C ASP A 664 -23.14 -23.18 5.72
N ARG A 665 -23.93 -24.12 5.24
CA ARG A 665 -24.18 -25.36 5.96
C ARG A 665 -22.87 -26.09 6.17
N GLY A 666 -22.03 -26.09 5.13
CA GLY A 666 -20.74 -26.76 5.16
C GLY A 666 -19.80 -26.19 6.22
N PHE A 667 -19.81 -24.86 6.34
CA PHE A 667 -18.96 -24.22 7.35
C PHE A 667 -19.56 -24.30 8.76
N ARG A 668 -20.89 -24.27 8.86
CA ARG A 668 -21.53 -24.43 10.16
C ARG A 668 -21.16 -25.79 10.78
N GLU A 669 -21.14 -26.83 9.96
CA GLU A 669 -20.79 -28.18 10.43
C GLU A 669 -19.33 -28.20 10.90
N MET A 670 -18.46 -27.50 10.18
CA MET A 670 -17.03 -27.47 10.50
C MET A 670 -16.80 -26.72 11.80
N CYS A 671 -17.52 -25.61 11.98
CA CYS A 671 -17.53 -24.87 13.24
C CYS A 671 -17.87 -25.80 14.41
N GLU A 672 -18.97 -26.55 14.29
CA GLU A 672 -19.35 -27.57 15.29
C GLU A 672 -18.26 -28.64 15.49
N TYR A 673 -17.72 -29.14 14.39
CA TYR A 673 -16.65 -30.13 14.42
C TYR A 673 -15.46 -29.64 15.25
N MET A 674 -15.05 -28.39 15.01
CA MET A 674 -13.98 -27.77 15.80
C MET A 674 -14.46 -27.16 17.13
N ASN A 675 -15.77 -27.25 17.39
CA ASN A 675 -16.38 -26.70 18.60
C ASN A 675 -16.03 -25.22 18.81
N ASN A 676 -15.97 -24.46 17.72
CA ASN A 676 -15.53 -23.07 17.79
C ASN A 676 -16.53 -22.18 18.52
N LYS A 677 -16.06 -20.98 18.86
CA LYS A 677 -16.87 -20.08 19.66
C LYS A 677 -18.05 -19.52 18.87
N GLN A 678 -17.80 -19.11 17.62
CA GLN A 678 -18.82 -18.45 16.81
C GLN A 678 -18.57 -18.68 15.32
N HIS A 679 -19.61 -19.07 14.59
CA HIS A 679 -19.54 -19.26 13.15
C HIS A 679 -19.31 -17.92 12.46
N LEU A 680 -18.12 -17.75 11.87
CA LEU A 680 -17.79 -16.49 11.20
C LEU A 680 -17.16 -16.72 9.81
N MET A 681 -17.24 -17.96 9.33
CA MET A 681 -16.72 -18.31 8.02
C MET A 681 -17.75 -17.96 6.95
N PHE A 682 -17.59 -16.77 6.36
CA PHE A 682 -18.58 -16.23 5.43
C PHE A 682 -17.94 -16.14 4.04
N MET A 683 -18.30 -17.09 3.16
CA MET A 683 -17.70 -17.19 1.84
C MET A 683 -18.65 -16.68 0.77
N ASP A 684 -18.58 -15.38 0.52
CA ASP A 684 -19.41 -14.73 -0.48
C ASP A 684 -18.85 -14.86 -1.89
N ARG A 685 -19.74 -14.81 -2.87
CA ARG A 685 -19.34 -14.83 -4.27
C ARG A 685 -18.53 -13.58 -4.59
N GLU A 686 -17.38 -13.79 -5.25
CA GLU A 686 -16.55 -12.70 -5.73
C GLU A 686 -16.85 -12.42 -7.22
N ALA A 687 -16.39 -13.30 -8.11
CA ALA A 687 -16.47 -13.04 -9.55
C ALA A 687 -17.37 -14.01 -10.29
N ILE A 688 -18.04 -13.49 -11.32
CA ILE A 688 -18.70 -14.32 -12.32
C ILE A 688 -18.05 -14.03 -13.67
N ALA A 689 -17.42 -15.04 -14.26
CA ALA A 689 -16.57 -14.85 -15.43
C ALA A 689 -17.00 -15.73 -16.58
N GLY A 690 -16.78 -15.24 -17.79
CA GLY A 690 -17.18 -15.98 -18.98
C GLY A 690 -16.96 -15.18 -20.24
N PRO A 691 -16.99 -15.85 -21.41
CA PRO A 691 -16.90 -15.16 -22.69
C PRO A 691 -18.21 -14.42 -23.02
N PRO A 692 -18.13 -13.40 -23.88
CA PRO A 692 -19.36 -12.73 -24.34
C PRO A 692 -20.24 -13.73 -25.05
N LEU A 693 -21.54 -13.70 -24.78
CA LEU A 693 -22.47 -14.64 -25.41
C LEU A 693 -22.32 -14.66 -26.93
N GLY A 694 -22.12 -15.85 -27.49
CA GLY A 694 -22.01 -16.05 -28.94
C GLY A 694 -20.67 -15.72 -29.56
N SER A 695 -19.71 -15.35 -28.73
CA SER A 695 -18.36 -15.04 -29.20
C SER A 695 -17.51 -16.31 -29.24
N LYS A 696 -16.26 -16.18 -29.67
CA LYS A 696 -15.32 -17.28 -29.60
C LYS A 696 -14.29 -17.09 -28.48
N GLY A 697 -14.55 -16.16 -27.55
CA GLY A 697 -13.65 -15.94 -26.41
C GLY A 697 -13.55 -17.17 -25.53
N ILE A 698 -12.38 -17.40 -24.96
CA ILE A 698 -12.18 -18.58 -24.11
C ILE A 698 -12.61 -18.39 -22.65
N GLY A 699 -12.88 -17.14 -22.26
CA GLY A 699 -13.41 -16.81 -20.92
C GLY A 699 -12.35 -16.59 -19.86
N GLY A 700 -11.49 -17.59 -19.68
CA GLY A 700 -10.44 -17.50 -18.68
C GLY A 700 -9.40 -18.58 -18.91
N PHE A 701 -8.28 -18.48 -18.18
CA PHE A 701 -7.21 -19.49 -18.21
C PHE A 701 -6.28 -19.41 -17.00
N TRP A 702 -5.80 -20.57 -16.57
CA TRP A 702 -4.76 -20.69 -15.55
C TRP A 702 -3.49 -21.24 -16.18
N THR A 703 -2.34 -20.67 -15.85
CA THR A 703 -1.08 -21.29 -16.26
C THR A 703 -0.47 -22.06 -15.11
N GLY A 704 -0.82 -21.71 -13.88
CA GLY A 704 -0.22 -22.33 -12.69
C GLY A 704 -0.73 -21.65 -11.44
N LYS A 705 -0.13 -21.99 -10.31
CA LYS A 705 -0.46 -21.32 -9.06
C LYS A 705 -0.24 -19.83 -9.18
N LYS A 706 -1.19 -19.06 -8.67
CA LYS A 706 -1.10 -17.60 -8.57
C LYS A 706 -0.90 -16.91 -9.92
N ARG A 707 -1.32 -17.59 -10.99
CA ARG A 707 -1.13 -17.11 -12.34
C ARG A 707 -2.39 -17.42 -13.16
N TYR A 708 -3.24 -16.42 -13.37
CA TYR A 708 -4.49 -16.64 -14.09
C TYR A 708 -5.11 -15.35 -14.63
N ALA A 709 -6.10 -15.50 -15.52
CA ALA A 709 -6.86 -14.38 -16.06
C ALA A 709 -8.31 -14.79 -16.26
N LEU A 710 -9.21 -13.86 -15.95
CA LEU A 710 -10.65 -14.10 -16.10
C LEU A 710 -11.35 -12.88 -16.68
N ASN A 711 -12.31 -13.13 -17.56
CA ASN A 711 -13.15 -12.08 -18.10
C ASN A 711 -14.39 -11.88 -17.23
N VAL A 712 -14.37 -10.85 -16.39
CA VAL A 712 -15.36 -10.70 -15.32
C VAL A 712 -16.46 -9.70 -15.70
N TRP A 713 -17.71 -10.11 -15.52
CA TRP A 713 -18.89 -9.27 -15.77
C TRP A 713 -19.47 -8.66 -14.48
N ASP A 714 -19.30 -9.39 -13.38
CA ASP A 714 -19.83 -8.97 -12.11
C ASP A 714 -18.82 -9.29 -11.03
N MET A 715 -18.53 -8.28 -10.20
CA MET A 715 -17.53 -8.38 -9.15
C MET A 715 -18.07 -7.83 -7.83
N GLU A 716 -18.30 -8.73 -6.88
CA GLU A 716 -18.82 -8.40 -5.54
C GLU A 716 -20.12 -7.58 -5.56
N GLY A 717 -20.96 -7.83 -6.55
CA GLY A 717 -22.25 -7.15 -6.66
C GLY A 717 -22.24 -6.02 -7.67
N THR A 718 -21.06 -5.65 -8.16
CA THR A 718 -20.95 -4.59 -9.16
C THR A 718 -21.11 -5.22 -10.53
N ARG A 719 -22.12 -4.78 -11.28
CA ARG A 719 -22.34 -5.25 -12.64
C ARG A 719 -21.71 -4.24 -13.57
N TYR A 720 -20.70 -4.66 -14.32
CA TYR A 720 -19.95 -3.72 -15.15
C TYR A 720 -20.73 -3.33 -16.39
N ALA A 721 -20.57 -2.08 -16.80
CA ALA A 721 -21.04 -1.62 -18.10
C ALA A 721 -20.27 -2.38 -19.19
N GLU A 722 -18.96 -2.48 -19.00
CA GLU A 722 -18.06 -3.25 -19.87
C GLU A 722 -17.31 -4.32 -19.09
N PRO A 723 -17.14 -5.53 -19.67
CA PRO A 723 -16.42 -6.59 -18.94
C PRO A 723 -15.02 -6.11 -18.55
N LYS A 724 -14.54 -6.63 -17.43
CA LYS A 724 -13.27 -6.21 -16.86
C LYS A 724 -12.36 -7.41 -16.68
N LEU A 725 -11.11 -7.28 -17.09
CA LEU A 725 -10.17 -8.38 -16.93
C LEU A 725 -9.70 -8.48 -15.50
N LYS A 726 -9.78 -9.68 -14.94
CA LYS A 726 -9.14 -9.95 -13.66
C LYS A 726 -7.91 -10.82 -13.94
N ILE A 727 -6.75 -10.18 -13.89
CA ILE A 727 -5.50 -10.85 -14.17
C ILE A 727 -4.63 -10.87 -12.93
N MET A 728 -4.25 -12.05 -12.47
CA MET A 728 -3.37 -12.14 -11.31
C MET A 728 -2.04 -12.81 -11.62
N GLY A 729 -0.95 -12.21 -11.13
CA GLY A 729 0.37 -12.84 -11.19
C GLY A 729 1.06 -12.89 -12.55
N LEU A 730 0.29 -12.76 -13.63
CA LEU A 730 0.88 -12.75 -14.98
C LEU A 730 1.64 -11.45 -15.21
N GLU A 731 2.44 -11.44 -16.27
CA GLU A 731 3.39 -10.37 -16.52
C GLU A 731 2.77 -8.98 -16.66
N THR A 732 1.51 -8.93 -17.08
CA THR A 732 0.79 -7.66 -17.15
C THR A 732 0.67 -6.96 -15.80
N GLN A 733 0.97 -7.69 -14.72
CA GLN A 733 0.72 -7.18 -13.36
C GLN A 733 2.01 -6.78 -12.64
N LYS A 734 3.15 -7.05 -13.27
CA LYS A 734 4.46 -6.88 -12.62
C LYS A 734 5.14 -5.59 -13.02
N SER A 735 5.59 -4.84 -12.02
CA SER A 735 6.31 -3.58 -12.27
C SER A 735 7.59 -3.79 -13.08
N SER A 736 8.13 -5.00 -13.05
CA SER A 736 9.34 -5.35 -13.79
C SER A 736 9.14 -5.45 -15.30
N THR A 737 7.92 -5.76 -15.71
CA THR A 737 7.58 -5.90 -17.14
C THR A 737 7.45 -4.53 -17.83
N PRO A 738 8.08 -4.36 -19.02
CA PRO A 738 8.04 -3.07 -19.72
C PRO A 738 6.61 -2.57 -19.93
N LYS A 739 6.42 -1.25 -19.83
CA LYS A 739 5.09 -0.65 -19.93
C LYS A 739 4.34 -1.05 -21.19
N ALA A 740 5.00 -0.93 -22.33
CA ALA A 740 4.36 -1.24 -23.60
C ALA A 740 4.05 -2.73 -23.71
N VAL A 741 4.89 -3.55 -23.08
CA VAL A 741 4.73 -4.99 -23.08
C VAL A 741 3.54 -5.42 -22.23
N GLN A 742 3.38 -4.83 -21.05
CA GLN A 742 2.20 -5.06 -20.21
C GLN A 742 0.95 -4.77 -21.05
N LYS A 743 1.00 -3.65 -21.77
CA LYS A 743 -0.12 -3.17 -22.56
C LYS A 743 -0.46 -4.16 -23.67
N ALA A 744 0.58 -4.63 -24.37
CA ALA A 744 0.38 -5.54 -25.50
C ALA A 744 -0.08 -6.90 -25.03
N LEU A 745 0.55 -7.40 -23.97
CA LEU A 745 0.13 -8.67 -23.39
C LEU A 745 -1.31 -8.62 -22.89
N LYS A 746 -1.70 -7.51 -22.24
CA LYS A 746 -3.08 -7.31 -21.79
C LYS A 746 -4.08 -7.39 -22.93
N GLU A 747 -3.72 -6.81 -24.07
CA GLU A 747 -4.56 -6.86 -25.25
C GLU A 747 -4.63 -8.27 -25.84
N CYS A 748 -3.52 -9.01 -25.82
CA CYS A 748 -3.55 -10.42 -26.27
C CYS A 748 -4.54 -11.22 -25.41
N ILE A 749 -4.43 -11.03 -24.10
CA ILE A 749 -5.30 -11.68 -23.14
C ILE A 749 -6.75 -11.26 -23.33
N ARG A 750 -7.00 -9.95 -23.44
CA ARG A 750 -8.35 -9.48 -23.76
C ARG A 750 -8.91 -10.24 -24.96
N ARG A 751 -8.11 -10.35 -26.01
CA ARG A 751 -8.56 -10.99 -27.23
C ARG A 751 -8.81 -12.48 -27.07
N MET A 752 -7.93 -13.17 -26.34
CA MET A 752 -8.12 -14.60 -26.03
C MET A 752 -9.41 -14.78 -25.27
N LEU A 753 -9.61 -13.99 -24.22
CA LEU A 753 -10.76 -14.18 -23.34
C LEU A 753 -12.09 -13.75 -23.96
N GLN A 754 -12.05 -12.72 -24.81
CA GLN A 754 -13.27 -12.11 -25.33
C GLN A 754 -13.60 -12.46 -26.78
N GLU A 755 -12.57 -12.79 -27.58
CA GLU A 755 -12.74 -12.84 -29.03
C GLU A 755 -12.26 -14.14 -29.70
N GLY A 756 -11.23 -14.76 -29.15
CA GLY A 756 -10.83 -16.07 -29.62
C GLY A 756 -9.45 -16.09 -30.21
N GLU A 757 -9.11 -17.22 -30.82
CA GLU A 757 -7.80 -17.52 -31.36
C GLU A 757 -7.38 -16.64 -32.53
N GLU A 758 -8.29 -16.41 -33.47
CA GLU A 758 -7.95 -15.64 -34.68
C GLU A 758 -7.60 -14.21 -34.34
N SER A 759 -8.41 -13.59 -33.49
CA SER A 759 -8.20 -12.21 -33.08
C SER A 759 -6.83 -12.04 -32.45
N LEU A 760 -6.45 -13.01 -31.64
CA LEU A 760 -5.14 -13.06 -31.00
C LEU A 760 -4.01 -13.15 -32.03
N GLN A 761 -4.18 -13.99 -33.06
CA GLN A 761 -3.19 -14.10 -34.13
C GLN A 761 -3.08 -12.79 -34.91
N GLU A 762 -4.20 -12.12 -35.07
CA GLU A 762 -4.27 -10.82 -35.75
C GLU A 762 -3.43 -9.78 -35.02
N TYR A 763 -3.61 -9.71 -33.71
CA TYR A 763 -2.90 -8.73 -32.90
C TYR A 763 -1.43 -9.04 -32.74
N PHE A 764 -1.10 -10.32 -32.51
CA PHE A 764 0.28 -10.70 -32.31
C PHE A 764 1.08 -10.29 -33.53
N LYS A 765 0.57 -10.67 -34.70
CA LYS A 765 1.26 -10.41 -35.98
C LYS A 765 1.59 -8.93 -36.12
N GLU A 766 0.64 -8.07 -35.75
CA GLU A 766 0.84 -6.64 -35.86
C GLU A 766 1.86 -6.13 -34.86
N PHE A 767 1.78 -6.62 -33.63
CA PHE A 767 2.71 -6.17 -32.60
C PHE A 767 4.16 -6.51 -32.95
N GLU A 768 4.37 -7.72 -33.46
CA GLU A 768 5.71 -8.20 -33.85
C GLU A 768 6.27 -7.32 -34.96
N LYS A 769 5.38 -6.89 -35.86
CA LYS A 769 5.72 -6.08 -37.00
C LYS A 769 6.20 -4.69 -36.57
N GLU A 770 5.53 -4.10 -35.59
CA GLU A 770 5.67 -2.67 -35.30
C GLU A 770 6.43 -2.31 -34.02
N PHE A 771 6.80 -3.30 -33.21
CA PHE A 771 7.28 -2.98 -31.86
C PHE A 771 8.58 -2.15 -31.81
N ARG A 772 9.41 -2.25 -32.86
CA ARG A 772 10.70 -1.54 -32.89
CA ARG A 772 10.70 -1.55 -32.89
C ARG A 772 10.54 -0.02 -32.92
N GLN A 773 9.33 0.45 -33.19
CA GLN A 773 9.03 1.88 -33.19
C GLN A 773 8.76 2.41 -31.78
N LEU A 774 8.50 1.51 -30.84
CA LEU A 774 8.16 1.89 -29.47
C LEU A 774 9.29 2.63 -28.76
N ASN A 775 8.92 3.71 -28.06
CA ASN A 775 9.86 4.51 -27.29
C ASN A 775 10.64 3.58 -26.38
N TYR A 776 11.94 3.83 -26.30
CA TYR A 776 12.85 2.93 -25.60
C TYR A 776 12.48 2.70 -24.13
N ILE A 777 11.99 3.74 -23.46
CA ILE A 777 11.61 3.65 -22.06
C ILE A 777 10.42 2.69 -21.92
N SER A 778 9.48 2.77 -22.86
CA SER A 778 8.28 1.92 -22.87
C SER A 778 8.63 0.44 -22.99
N ILE A 779 9.82 0.14 -23.49
CA ILE A 779 10.22 -1.26 -23.73
C ILE A 779 11.41 -1.73 -22.87
N ALA A 780 11.84 -0.87 -21.94
CA ALA A 780 12.84 -1.24 -20.94
C ALA A 780 12.23 -2.00 -19.76
N SER A 781 12.90 -3.07 -19.36
CA SER A 781 12.55 -3.81 -18.14
C SER A 781 12.90 -2.94 -16.94
N VAL A 782 12.34 -3.27 -15.78
CA VAL A 782 12.58 -2.49 -14.56
C VAL A 782 12.99 -3.44 -13.44
N SER A 783 14.00 -3.05 -12.67
CA SER A 783 14.35 -3.84 -11.50
C SER A 783 14.89 -2.97 -10.38
N SER A 784 14.70 -3.43 -9.15
CA SER A 784 15.36 -2.87 -7.98
C SER A 784 16.83 -3.22 -8.07
N ALA A 785 17.69 -2.33 -7.56
CA ALA A 785 19.15 -2.51 -7.67
C ALA A 785 19.85 -2.52 -6.32
N ASN A 786 20.03 -3.72 -5.77
CA ASN A 786 20.70 -3.90 -4.48
C ASN A 786 22.09 -4.52 -4.65
N ASN A 787 22.97 -4.24 -3.70
CA ASN A 787 24.30 -4.83 -3.65
C ASN A 787 25.13 -4.58 -4.90
N ILE A 788 25.14 -3.34 -5.37
CA ILE A 788 25.93 -3.00 -6.56
C ILE A 788 27.43 -3.19 -6.31
N ALA A 789 27.89 -2.82 -5.11
CA ALA A 789 29.31 -2.90 -4.77
C ALA A 789 29.84 -4.33 -4.66
N LYS A 790 28.98 -5.24 -4.18
CA LYS A 790 29.36 -6.65 -4.00
C LYS A 790 29.75 -7.35 -5.31
N TYR A 791 29.15 -6.94 -6.41
CA TYR A 791 29.41 -7.54 -7.70
C TYR A 791 30.33 -6.67 -8.55
N ASP A 792 30.80 -5.57 -7.97
CA ASP A 792 31.72 -4.66 -8.65
C ASP A 792 33.18 -5.06 -8.36
N VAL A 793 33.79 -5.68 -9.37
CA VAL A 793 35.20 -6.04 -9.32
C VAL A 793 35.92 -5.19 -10.36
N GLY A 794 36.51 -4.10 -9.89
CA GLY A 794 37.22 -3.16 -10.76
C GLY A 794 36.40 -2.67 -11.96
N GLY A 795 35.11 -2.46 -11.75
CA GLY A 795 34.22 -1.94 -12.78
C GLY A 795 33.60 -2.96 -13.72
N PHE A 796 33.87 -4.24 -13.47
CA PHE A 796 33.29 -5.33 -14.25
C PHE A 796 32.56 -6.32 -13.36
N PRO A 797 31.69 -7.17 -13.96
CA PRO A 797 30.91 -8.15 -13.20
C PRO A 797 31.75 -9.19 -12.46
N GLY A 798 31.49 -9.32 -11.15
CA GLY A 798 32.05 -10.41 -10.36
C GLY A 798 31.29 -11.69 -10.64
N PRO A 799 31.70 -12.81 -10.00
CA PRO A 799 30.97 -14.06 -10.22
C PRO A 799 29.50 -13.95 -9.82
N LYS A 800 28.64 -14.67 -10.53
CA LYS A 800 27.20 -14.69 -10.26
C LYS A 800 26.56 -13.30 -10.36
N CYS A 801 27.17 -12.37 -11.11
CA CYS A 801 26.63 -11.02 -11.22
C CYS A 801 25.26 -11.04 -11.86
N PRO A 802 24.26 -10.43 -11.18
CA PRO A 802 22.92 -10.38 -11.75
C PRO A 802 22.84 -9.50 -13.00
N PHE A 803 21.89 -9.82 -13.86
CA PHE A 803 21.73 -9.19 -15.16
C PHE A 803 21.57 -7.68 -15.04
N HIS A 804 20.68 -7.26 -14.15
CA HIS A 804 20.43 -5.84 -13.99
C HIS A 804 21.59 -5.13 -13.33
N ILE A 805 22.36 -5.86 -12.52
CA ILE A 805 23.57 -5.30 -11.91
C ILE A 805 24.68 -5.18 -12.96
N ARG A 806 24.74 -6.12 -13.90
CA ARG A 806 25.66 -6.03 -15.03
C ARG A 806 25.33 -4.76 -15.84
N GLY A 807 24.04 -4.55 -16.07
CA GLY A 807 23.55 -3.35 -16.73
C GLY A 807 24.08 -2.08 -16.10
N ILE A 808 24.00 -2.00 -14.78
CA ILE A 808 24.48 -0.83 -14.06
C ILE A 808 25.99 -0.67 -14.15
N LEU A 809 26.72 -1.79 -14.09
CA LEU A 809 28.18 -1.73 -14.16
C LEU A 809 28.60 -1.22 -15.53
N THR A 810 27.90 -1.70 -16.58
CA THR A 810 28.09 -1.18 -17.93
C THR A 810 27.84 0.33 -17.95
N TYR A 811 26.72 0.75 -17.37
CA TYR A 811 26.39 2.17 -17.25
C TYR A 811 27.54 2.95 -16.60
N ASN A 812 28.04 2.46 -15.46
CA ASN A 812 29.08 3.21 -14.72
C ASN A 812 30.32 3.49 -15.57
N ARG A 813 30.78 2.49 -16.32
CA ARG A 813 31.95 2.63 -17.21
C ARG A 813 31.70 3.67 -18.30
N ALA A 814 30.51 3.61 -18.90
CA ALA A 814 30.12 4.54 -19.95
C ALA A 814 30.14 6.00 -19.49
N ILE A 815 29.72 6.26 -18.25
CA ILE A 815 29.66 7.63 -17.75
C ILE A 815 30.83 8.07 -16.85
N LYS A 816 31.95 7.34 -16.93
CA LYS A 816 33.13 7.68 -16.13
C LYS A 816 33.74 8.99 -16.60
N GLY A 817 34.15 9.80 -15.63
CA GLY A 817 34.66 11.14 -15.89
C GLY A 817 33.68 12.19 -15.41
N ASN A 818 32.39 11.87 -15.52
CA ASN A 818 31.31 12.83 -15.25
C ASN A 818 30.77 12.81 -13.82
N ILE A 819 30.94 13.94 -13.14
CA ILE A 819 30.26 14.20 -11.86
C ILE A 819 28.80 14.59 -12.17
N ASP A 820 28.57 15.04 -13.41
CA ASP A 820 27.29 15.56 -13.90
C ASP A 820 26.21 14.50 -14.22
N ALA A 821 26.60 13.42 -14.92
CA ALA A 821 25.69 12.36 -15.29
C ALA A 821 25.08 11.69 -14.06
N PRO A 822 23.77 11.39 -14.09
CA PRO A 822 23.06 10.79 -12.96
C PRO A 822 23.68 9.47 -12.50
N GLN A 823 23.92 9.35 -11.20
CA GLN A 823 24.42 8.11 -10.62
C GLN A 823 23.25 7.21 -10.28
N VAL A 824 23.45 5.90 -10.45
CA VAL A 824 22.47 4.95 -9.96
C VAL A 824 22.58 4.87 -8.43
N VAL A 825 21.43 4.95 -7.75
CA VAL A 825 21.38 4.88 -6.29
C VAL A 825 21.10 3.45 -5.83
N GLU A 826 22.01 2.91 -5.03
CA GLU A 826 21.85 1.59 -4.41
C GLU A 826 20.47 1.45 -3.74
N GLY A 827 19.76 0.37 -4.07
CA GLY A 827 18.45 0.11 -3.48
C GLY A 827 17.28 0.74 -4.20
N GLU A 828 17.57 1.56 -5.23
CA GLU A 828 16.49 2.15 -6.00
C GLU A 828 16.27 1.39 -7.31
N LYS A 829 15.35 1.85 -8.15
CA LYS A 829 15.03 1.12 -9.37
C LYS A 829 15.79 1.62 -10.60
N VAL A 830 16.04 0.70 -11.54
CA VAL A 830 16.67 1.03 -12.81
C VAL A 830 15.86 0.46 -13.96
N TYR A 831 15.88 1.17 -15.09
CA TYR A 831 15.46 0.63 -16.39
C TYR A 831 16.59 -0.22 -16.94
N VAL A 832 16.26 -1.26 -17.69
CA VAL A 832 17.27 -2.22 -18.17
C VAL A 832 17.01 -2.58 -19.64
N LEU A 833 18.05 -2.50 -20.46
CA LEU A 833 17.96 -2.87 -21.87
C LEU A 833 19.08 -3.80 -22.33
N PRO A 834 18.73 -4.82 -23.16
CA PRO A 834 19.70 -5.69 -23.82
C PRO A 834 20.42 -4.97 -24.95
N LEU A 835 21.67 -5.35 -25.17
CA LEU A 835 22.52 -4.74 -26.17
C LEU A 835 23.02 -5.79 -27.16
N ARG A 836 22.93 -5.48 -28.45
CA ARG A 836 23.39 -6.37 -29.50
C ARG A 836 24.89 -6.63 -29.37
N GLU A 837 25.29 -7.86 -29.67
CA GLU A 837 26.69 -8.26 -29.74
C GLU A 837 27.51 -7.24 -30.51
N GLY A 838 28.64 -6.83 -29.93
CA GLY A 838 29.60 -5.98 -30.64
C GLY A 838 29.36 -4.50 -30.51
N ASN A 839 28.54 -4.13 -29.53
CA ASN A 839 28.27 -2.74 -29.20
C ASN A 839 29.48 -2.10 -28.49
N PRO A 840 29.57 -0.76 -28.48
CA PRO A 840 30.74 -0.09 -27.89
C PRO A 840 30.73 -0.05 -26.35
N PHE A 841 29.67 -0.52 -25.72
CA PHE A 841 29.62 -0.56 -24.24
C PHE A 841 30.34 -1.80 -23.71
N GLY A 842 30.65 -2.72 -24.62
CA GLY A 842 31.41 -3.94 -24.29
C GLY A 842 30.70 -4.90 -23.35
N ASP A 843 29.37 -4.89 -23.37
CA ASP A 843 28.58 -5.86 -22.61
C ASP A 843 27.16 -6.00 -23.13
N LYS A 844 26.42 -6.95 -22.57
CA LYS A 844 25.17 -7.42 -23.18
C LYS A 844 23.93 -6.64 -22.73
N CYS A 845 24.11 -5.73 -21.77
CA CYS A 845 23.01 -4.88 -21.30
C CYS A 845 23.49 -3.59 -20.66
N ILE A 846 22.56 -2.64 -20.55
CA ILE A 846 22.80 -1.38 -19.85
C ILE A 846 21.57 -1.05 -19.01
N ALA A 847 21.80 -0.46 -17.85
CA ALA A 847 20.72 -0.06 -16.96
C ALA A 847 20.99 1.36 -16.55
N TRP A 848 19.94 2.11 -16.25
CA TRP A 848 20.08 3.49 -15.78
C TRP A 848 18.90 3.82 -14.88
N PRO A 849 19.00 4.90 -14.07
CA PRO A 849 17.96 5.14 -13.08
C PRO A 849 16.54 5.23 -13.66
N SER A 850 15.59 4.54 -13.03
CA SER A 850 14.21 4.48 -13.53
C SER A 850 13.50 5.82 -13.35
N GLY A 851 12.43 6.02 -14.12
CA GLY A 851 11.69 7.28 -14.15
C GLY A 851 12.47 8.41 -14.82
N THR A 852 13.56 8.07 -15.52
CA THR A 852 14.38 9.10 -16.16
C THR A 852 14.76 8.77 -17.59
N GLU A 853 15.01 9.82 -18.37
CA GLU A 853 15.72 9.73 -19.63
C GLU A 853 17.16 9.39 -19.32
N ILE A 854 17.75 8.48 -20.10
CA ILE A 854 19.18 8.19 -19.97
C ILE A 854 19.99 9.39 -20.49
N THR A 855 21.07 9.74 -19.77
CA THR A 855 21.88 10.92 -20.07
C THR A 855 22.25 11.06 -21.55
N ASP A 856 22.11 12.28 -22.08
CA ASP A 856 22.35 12.58 -23.51
C ASP A 856 23.69 12.06 -24.06
N LEU A 857 24.72 12.05 -23.21
CA LEU A 857 26.03 11.47 -23.52
C LEU A 857 25.98 10.13 -24.29
N ILE A 858 25.14 9.21 -23.81
CA ILE A 858 25.10 7.84 -24.33
C ILE A 858 23.75 7.41 -24.93
N LYS A 859 22.75 8.28 -24.86
CA LYS A 859 21.40 7.94 -25.33
C LYS A 859 21.39 7.42 -26.77
N ASP A 860 22.02 8.18 -27.66
CA ASP A 860 22.04 7.87 -29.08
C ASP A 860 22.64 6.48 -29.35
N ASP A 861 23.71 6.14 -28.64
CA ASP A 861 24.35 4.84 -28.78
C ASP A 861 23.44 3.70 -28.29
N VAL A 862 22.82 3.90 -27.13
CA VAL A 862 21.88 2.92 -26.60
C VAL A 862 20.79 2.61 -27.62
N LEU A 863 20.18 3.66 -28.19
CA LEU A 863 19.07 3.47 -29.14
C LEU A 863 19.50 2.71 -30.39
N HIS A 864 20.73 2.97 -30.83
CA HIS A 864 21.32 2.35 -32.01
C HIS A 864 21.67 0.89 -31.76
N TRP A 865 22.11 0.58 -30.54
CA TRP A 865 22.55 -0.77 -30.19
C TRP A 865 21.53 -1.64 -29.42
N MET A 866 20.39 -1.06 -29.05
CA MET A 866 19.27 -1.78 -28.42
C MET A 866 18.98 -3.10 -29.12
N ASP A 867 18.89 -4.19 -28.36
CA ASP A 867 18.58 -5.51 -28.95
C ASP A 867 17.08 -5.77 -28.90
N TYR A 868 16.38 -5.31 -29.92
CA TYR A 868 14.93 -5.45 -30.00
C TYR A 868 14.48 -6.91 -30.01
N THR A 869 15.24 -7.77 -30.71
CA THR A 869 14.91 -9.21 -30.82
C THR A 869 14.92 -9.93 -29.47
N VAL A 870 15.98 -9.70 -28.70
CA VAL A 870 16.10 -10.30 -27.37
C VAL A 870 15.00 -9.77 -26.44
N LEU A 871 14.85 -8.45 -26.46
CA LEU A 871 13.79 -7.75 -25.78
C LEU A 871 12.43 -8.40 -26.07
N LEU A 872 12.12 -8.58 -27.35
CA LEU A 872 10.85 -9.14 -27.76
C LEU A 872 10.67 -10.55 -27.22
N GLU A 873 11.69 -11.38 -27.38
CA GLU A 873 11.61 -12.79 -26.99
C GLU A 873 11.40 -12.98 -25.50
N LYS A 874 12.13 -12.22 -24.71
CA LYS A 874 12.14 -12.40 -23.26
C LYS A 874 10.93 -11.84 -22.54
N THR A 875 10.43 -10.69 -22.98
CA THR A 875 9.40 -9.98 -22.21
C THR A 875 8.00 -10.19 -22.78
N PHE A 876 7.92 -10.47 -24.07
CA PHE A 876 6.62 -10.62 -24.72
C PHE A 876 6.38 -12.06 -25.18
N ILE A 877 7.20 -12.56 -26.09
CA ILE A 877 6.95 -13.88 -26.67
C ILE A 877 6.93 -15.01 -25.64
N LYS A 878 7.92 -15.06 -24.78
CA LYS A 878 7.98 -16.12 -23.78
C LYS A 878 6.77 -16.17 -22.84
N PRO A 879 6.37 -15.02 -22.23
CA PRO A 879 5.15 -15.09 -21.42
C PRO A 879 3.91 -15.43 -22.25
N LEU A 880 3.80 -14.86 -23.45
CA LEU A 880 2.67 -15.17 -24.33
C LEU A 880 2.60 -16.66 -24.70
N GLU A 881 3.75 -17.25 -25.00
CA GLU A 881 3.84 -18.69 -25.24
C GLU A 881 3.28 -19.44 -24.02
N GLY A 882 3.68 -19.01 -22.82
CA GLY A 882 3.13 -19.51 -21.57
C GLY A 882 1.60 -19.45 -21.50
N PHE A 883 1.04 -18.27 -21.81
CA PHE A 883 -0.43 -18.12 -21.79
C PHE A 883 -1.13 -19.04 -22.80
N THR A 884 -0.63 -19.04 -24.02
CA THR A 884 -1.30 -19.71 -25.13
C THR A 884 -1.26 -21.23 -24.99
N SER A 885 -0.11 -21.77 -24.62
CA SER A 885 0.03 -23.22 -24.40
C SER A 885 -0.88 -23.67 -23.26
N ALA A 886 -0.94 -22.88 -22.18
CA ALA A 886 -1.87 -23.18 -21.10
C ALA A 886 -3.30 -23.22 -21.63
N ALA A 887 -3.68 -22.21 -22.41
CA ALA A 887 -5.03 -22.09 -22.94
C ALA A 887 -5.27 -22.96 -24.17
N LYS A 888 -4.24 -23.72 -24.56
CA LYS A 888 -4.30 -24.59 -25.76
C LYS A 888 -4.73 -23.81 -27.00
N LEU A 889 -4.09 -22.66 -27.19
CA LEU A 889 -4.30 -21.78 -28.34
C LEU A 889 -2.96 -21.55 -29.04
N ASP A 890 -3.01 -21.09 -30.28
CA ASP A 890 -1.79 -20.68 -30.97
C ASP A 890 -1.79 -19.18 -31.25
N TYR A 891 -0.70 -18.50 -30.90
CA TYR A 891 -0.54 -17.10 -31.29
C TYR A 891 -0.15 -16.92 -32.76
N GLU A 892 0.34 -17.99 -33.38
CA GLU A 892 0.64 -18.00 -34.82
C GLU A 892 -0.21 -19.03 -35.53
N LYS A 893 -0.78 -18.65 -36.67
CA LYS A 893 -1.63 -19.56 -37.44
C LYS A 893 -0.85 -20.78 -37.97
N LYS A 894 -1.37 -21.96 -37.64
CA LYS A 894 -0.81 -23.21 -38.12
C LYS A 894 -1.27 -23.49 -39.54
N ALA A 895 -0.42 -24.16 -40.32
CA ALA A 895 -0.74 -24.54 -41.69
C ALA A 895 -1.98 -25.44 -41.75
N SER A 896 -2.73 -25.31 -42.83
CA SER A 896 -3.90 -26.17 -43.06
C SER A 896 -3.95 -26.64 -44.52
N LEU A 897 -4.84 -27.58 -44.79
CA LEU A 897 -5.08 -28.08 -46.13
C LEU A 897 -5.58 -27.00 -47.08
N PHE A 898 -6.33 -26.03 -46.53
CA PHE A 898 -6.89 -24.93 -47.32
C PHE A 898 -5.85 -24.02 -47.98
N ASP A 899 -4.62 -24.05 -47.45
CA ASP A 899 -3.50 -23.32 -48.02
C ASP A 899 -3.11 -23.82 -49.42
N MET A 900 -3.75 -24.91 -49.86
CA MET A 900 -3.49 -25.47 -51.21
C MET A 900 -4.19 -24.67 -52.31
N PHE A 901 -4.96 -23.64 -51.94
CA PHE A 901 -5.78 -22.87 -52.89
C PHE A 901 -5.38 -21.40 -52.97
N1 DOC C 13 -2.09 -12.94 -0.48
C2 DOC C 13 -1.16 -13.00 0.59
N3 DOC C 13 -0.34 -11.94 0.82
C4 DOC C 13 -0.41 -10.84 0.05
C5 DOC C 13 -1.31 -10.76 -1.01
C6 DOC C 13 -2.17 -11.84 -1.25
O2 DOC C 13 -1.10 -14.01 1.35
N4 DOC C 13 0.43 -9.80 0.28
C1' DOC C 13 -2.99 -14.09 -0.72
C2' DOC C 13 -4.36 -13.85 -0.09
C3' DOC C 13 -5.38 -14.28 -1.15
C4' DOC C 13 -4.48 -15.05 -2.11
O4' DOC C 13 -3.23 -14.35 -2.10
C5' DOC C 13 -5.09 -15.22 -3.49
O5' DOC C 13 -5.10 -14.00 -4.20
P DOC C 13 -5.13 -13.92 -5.81
OP1 DOC C 13 -5.72 -15.19 -6.39
OP2 DOC C 13 -5.81 -12.60 -6.06
N1 DCP D . -3.21 -11.96 3.68
C2 DCP D . -2.15 -11.35 4.33
N3 DCP D . -1.71 -10.11 3.89
C4 DCP D . -2.21 -9.54 2.75
C5 DCP D . -3.28 -10.15 2.09
C6 DCP D . -3.67 -11.43 2.48
O2 DCP D . -1.61 -11.92 5.28
N4 DCP D . -1.68 -8.41 2.27
C1' DCP D . -3.89 -13.11 4.34
C2' DCP D . -4.83 -12.57 5.43
C3' DCP D . -6.16 -12.56 4.73
C4' DCP D . -6.07 -13.79 3.85
O4' DCP D . -4.71 -13.84 3.45
O3' DCP D . -7.21 -12.61 5.66
C5' DCP D . -6.97 -13.72 2.64
O5' DCP D . -6.56 -12.65 1.83
PA DCP D . -7.62 -11.63 1.19
O1A DCP D . -6.88 -10.78 0.19
O2A DCP D . -8.79 -12.36 0.55
O3A DCP D . -8.07 -10.68 2.41
PB DCP D . -9.28 -10.86 3.46
O1B DCP D . -8.70 -10.58 4.82
O2B DCP D . -10.00 -12.18 3.38
O3B DCP D . -10.25 -9.63 3.16
PG DCP D . -11.46 -9.62 2.10
O1G DCP D . -11.43 -10.82 1.20
O2G DCP D . -12.71 -9.58 2.93
O3G DCP D . -11.32 -8.36 1.28
CA CA E . -10.91 -13.00 1.51
CA CA F . -9.09 -14.17 -1.52
CA CA G . -29.60 10.40 -21.73
CA CA H . -16.17 -10.64 -0.43
CA CA I . 12.23 19.76 -6.63
#